data_1PGJ
#
_entry.id   1PGJ
#
_cell.length_a   135.130
_cell.length_b   135.130
_cell.length_c   116.740
_cell.angle_alpha   90.00
_cell.angle_beta   90.00
_cell.angle_gamma   120.00
#
_symmetry.space_group_name_H-M   'P 31 2 1'
#
loop_
_entity.id
_entity.type
_entity.pdbx_description
1 polymer '6-PHOSPHOGLUCONATE DEHYDROGENASE'
2 non-polymer 'SULFATE ION'
3 water water
#
_entity_poly.entity_id   1
_entity_poly.type   'polypeptide(L)'
_entity_poly.pdbx_seq_one_letter_code
;SMDVGVVGLGVMGANLALNIAEKGFKVAVFNRTYSKSEEFMKANASAPFAGNLKAFETMEAFAASLKKPRKALILVQAGA
ATDSTIEQLKKVFEKGDILVDTGNAHFKDQGRRAQQLEAAGLRFLGMGISGGEEGARKGPAFFPGGTLSVWEEIRPIVEA
AAAKADDGRPCVTMNGSGGAGSCVKMYHNSGEYAILQIWGEVFDILRAMGLNNDEVAAVLEDWKSKNFLKSYMLDISIAA
ARAKDKDGSYLTEHVMDRIGSKGTGLWSAQEALEIGVPAPSLNMAVVSRQFTMYKTERQANASNAPGITQSPGYTLKNKS
PSGPEIKQLYDSVCIAIISCYAQMFQCLREMDKVHNFGLNLPATIATFRAGCILQGYLLKPMTEAFEKNPNISNLMCAFQ
TEIRAGLQNYRDMVALITSKLEVSIPVLSASLNYVTAMFTPTLKYGQLVSLQRDVFGRHGYERVDKDGRESFQWPELQ
;
_entity_poly.pdbx_strand_id   A,B
#
loop_
_chem_comp.id
_chem_comp.type
_chem_comp.name
_chem_comp.formula
SO4 non-polymer 'SULFATE ION' 'O4 S -2'
#
# COMPACT_ATOMS: atom_id res chain seq x y z
N SER A 1 24.76 -38.91 -19.47
CA SER A 1 24.85 -37.78 -18.48
C SER A 1 23.98 -36.60 -18.92
N MET A 2 23.02 -36.26 -18.06
CA MET A 2 22.09 -35.16 -18.32
C MET A 2 22.72 -33.77 -18.22
N ASP A 3 22.34 -32.89 -19.14
CA ASP A 3 22.89 -31.51 -19.18
C ASP A 3 22.31 -30.65 -18.06
N VAL A 4 21.02 -30.87 -17.78
CA VAL A 4 20.31 -30.12 -16.76
C VAL A 4 19.19 -30.97 -16.13
N GLY A 5 18.84 -30.63 -14.89
CA GLY A 5 17.78 -31.31 -14.17
C GLY A 5 16.68 -30.30 -13.87
N VAL A 6 15.43 -30.72 -13.99
CA VAL A 6 14.35 -29.80 -13.74
C VAL A 6 13.53 -30.38 -12.62
N VAL A 7 13.36 -29.61 -11.54
CA VAL A 7 12.59 -30.08 -10.38
C VAL A 7 11.22 -29.42 -10.27
N GLY A 8 10.18 -30.25 -10.30
CA GLY A 8 8.81 -29.76 -10.19
C GLY A 8 8.02 -29.67 -11.49
N LEU A 9 7.13 -30.64 -11.70
CA LEU A 9 6.31 -30.70 -12.91
C LEU A 9 4.96 -29.99 -12.84
N GLY A 10 5.00 -28.67 -12.73
CA GLY A 10 3.77 -27.88 -12.67
C GLY A 10 3.31 -27.37 -14.03
N VAL A 11 2.65 -26.22 -14.04
CA VAL A 11 2.22 -25.61 -15.31
C VAL A 11 3.49 -25.28 -16.08
N MET A 12 4.43 -24.62 -15.38
CA MET A 12 5.69 -24.21 -15.95
C MET A 12 6.73 -25.34 -16.07
N GLY A 13 7.06 -25.96 -14.95
CA GLY A 13 8.04 -27.02 -14.97
C GLY A 13 8.00 -28.03 -16.09
N ALA A 14 6.84 -28.59 -16.40
CA ALA A 14 6.78 -29.57 -17.48
C ALA A 14 7.01 -28.96 -18.87
N ASN A 15 6.37 -27.81 -19.15
CA ASN A 15 6.48 -27.14 -20.43
C ASN A 15 7.91 -26.69 -20.65
N LEU A 16 8.49 -26.09 -19.60
CA LEU A 16 9.86 -25.63 -19.67
C LEU A 16 10.75 -26.79 -20.06
N ALA A 17 10.74 -27.84 -19.28
CA ALA A 17 11.54 -29.01 -19.58
C ALA A 17 11.50 -29.38 -21.10
N LEU A 18 10.28 -29.57 -21.63
CA LEU A 18 10.04 -29.91 -23.05
C LEU A 18 10.80 -28.90 -23.92
N ASN A 19 10.52 -27.63 -23.72
CA ASN A 19 11.18 -26.53 -24.43
C ASN A 19 12.70 -26.82 -24.48
N ILE A 20 13.31 -27.00 -23.32
CA ILE A 20 14.74 -27.27 -23.25
C ILE A 20 15.07 -28.62 -23.90
N ALA A 21 14.16 -29.58 -23.84
CA ALA A 21 14.42 -30.88 -24.44
C ALA A 21 14.50 -30.71 -25.98
N GLU A 22 13.49 -30.02 -26.50
CA GLU A 22 13.36 -29.77 -27.93
C GLU A 22 14.50 -28.96 -28.47
N LYS A 23 15.14 -28.19 -27.58
CA LYS A 23 16.28 -27.37 -27.96
C LYS A 23 17.51 -28.29 -28.06
N GLY A 24 17.30 -29.56 -27.72
CA GLY A 24 18.36 -30.54 -27.81
C GLY A 24 19.17 -30.94 -26.59
N PHE A 25 18.86 -30.42 -25.40
CA PHE A 25 19.61 -30.77 -24.21
C PHE A 25 18.95 -31.93 -23.48
N LYS A 26 19.76 -32.81 -22.89
CA LYS A 26 19.25 -33.94 -22.13
C LYS A 26 18.93 -33.42 -20.73
N VAL A 27 17.66 -33.54 -20.37
CA VAL A 27 17.20 -33.04 -19.10
C VAL A 27 16.61 -34.09 -18.16
N ALA A 28 17.28 -34.28 -17.02
CA ALA A 28 16.79 -35.20 -15.98
C ALA A 28 15.57 -34.48 -15.37
N VAL A 29 14.51 -35.20 -15.06
CA VAL A 29 13.36 -34.52 -14.50
C VAL A 29 13.04 -35.12 -13.13
N PHE A 30 12.38 -34.34 -12.27
CA PHE A 30 12.03 -34.82 -10.94
C PHE A 30 10.85 -34.10 -10.31
N ASN A 31 9.95 -34.91 -9.76
CA ASN A 31 8.75 -34.42 -9.09
C ASN A 31 8.63 -35.09 -7.73
N ARG A 32 7.86 -34.45 -6.84
CA ARG A 32 7.59 -34.93 -5.47
C ARG A 32 6.84 -36.28 -5.54
N THR A 33 5.70 -36.24 -6.19
CA THR A 33 4.87 -37.41 -6.39
C THR A 33 5.39 -38.05 -7.71
N TYR A 34 6.22 -39.08 -7.59
CA TYR A 34 6.77 -39.77 -8.77
C TYR A 34 5.68 -40.10 -9.81
N SER A 35 4.47 -40.41 -9.34
CA SER A 35 3.34 -40.73 -10.22
C SER A 35 3.21 -39.70 -11.32
N LYS A 36 3.20 -38.42 -10.95
CA LYS A 36 3.07 -37.32 -11.92
C LYS A 36 4.17 -37.45 -13.00
N SER A 37 5.39 -37.79 -12.59
CA SER A 37 6.48 -37.95 -13.52
C SER A 37 6.06 -38.96 -14.59
N GLU A 38 5.34 -40.01 -14.16
CA GLU A 38 4.84 -41.06 -15.06
C GLU A 38 3.87 -40.44 -16.06
N GLU A 39 2.78 -39.86 -15.54
CA GLU A 39 1.77 -39.22 -16.39
C GLU A 39 2.47 -38.28 -17.38
N PHE A 40 3.50 -37.58 -16.90
CA PHE A 40 4.26 -36.65 -17.71
C PHE A 40 4.94 -37.38 -18.86
N MET A 41 5.80 -38.35 -18.54
CA MET A 41 6.50 -39.13 -19.54
C MET A 41 5.51 -39.73 -20.53
N LYS A 42 4.33 -40.08 -20.03
CA LYS A 42 3.27 -40.67 -20.83
C LYS A 42 2.84 -39.72 -21.94
N ALA A 43 2.18 -38.62 -21.56
CA ALA A 43 1.71 -37.65 -22.56
C ALA A 43 2.78 -37.18 -23.54
N ASN A 44 4.06 -37.41 -23.21
CA ASN A 44 5.14 -36.96 -24.07
C ASN A 44 6.03 -38.10 -24.55
N ALA A 45 5.52 -39.32 -24.47
CA ALA A 45 6.27 -40.49 -24.92
C ALA A 45 6.60 -40.39 -26.41
N SER A 46 5.61 -39.98 -27.21
CA SER A 46 5.76 -39.87 -28.66
C SER A 46 6.54 -38.67 -29.22
N ALA A 47 6.80 -37.65 -28.41
CA ALA A 47 7.54 -36.50 -28.90
C ALA A 47 8.83 -36.98 -29.56
N PRO A 48 9.27 -36.29 -30.62
CA PRO A 48 10.50 -36.61 -31.37
C PRO A 48 11.77 -36.53 -30.52
N PHE A 49 11.71 -35.77 -29.43
CA PHE A 49 12.87 -35.58 -28.53
C PHE A 49 12.73 -36.28 -27.18
N ALA A 50 11.81 -37.24 -27.08
CA ALA A 50 11.59 -38.01 -25.86
C ALA A 50 12.82 -38.78 -25.39
N GLY A 51 13.87 -38.79 -26.21
CA GLY A 51 15.08 -39.46 -25.85
C GLY A 51 15.93 -38.58 -24.97
N ASN A 52 15.61 -37.29 -24.92
CA ASN A 52 16.38 -36.35 -24.07
C ASN A 52 15.70 -36.17 -22.73
N LEU A 53 14.62 -36.93 -22.51
CA LEU A 53 13.85 -36.84 -21.30
C LEU A 53 14.00 -38.04 -20.35
N LYS A 54 14.91 -37.89 -19.38
CA LYS A 54 15.13 -38.95 -18.41
C LYS A 54 14.40 -38.65 -17.09
N ALA A 55 13.35 -39.42 -16.81
CA ALA A 55 12.59 -39.27 -15.56
C ALA A 55 13.25 -40.06 -14.41
N PHE A 56 13.11 -39.54 -13.20
CA PHE A 56 13.70 -40.18 -12.05
C PHE A 56 12.80 -40.38 -10.84
N GLU A 57 13.32 -41.27 -10.03
CA GLU A 57 12.72 -41.79 -8.84
C GLU A 57 13.15 -41.16 -7.48
N THR A 58 14.46 -41.17 -7.25
CA THR A 58 15.08 -40.72 -6.04
C THR A 58 15.98 -39.57 -6.38
N MET A 59 16.04 -38.61 -5.47
CA MET A 59 16.88 -37.43 -5.63
C MET A 59 18.32 -37.86 -5.86
N GLU A 60 18.78 -38.80 -5.05
CA GLU A 60 20.14 -39.31 -5.13
C GLU A 60 20.52 -39.91 -6.49
N ALA A 61 19.53 -40.41 -7.22
CA ALA A 61 19.77 -41.01 -8.55
C ALA A 61 19.79 -39.87 -9.57
N PHE A 62 18.85 -38.95 -9.37
CA PHE A 62 18.63 -37.76 -10.19
C PHE A 62 19.90 -36.89 -10.13
N ALA A 63 20.50 -36.80 -8.96
CA ALA A 63 21.69 -35.98 -8.78
C ALA A 63 22.92 -36.54 -9.45
N ALA A 64 22.97 -37.85 -9.62
CA ALA A 64 24.16 -38.43 -10.23
C ALA A 64 24.17 -38.35 -11.73
N SER A 65 22.98 -38.24 -12.33
CA SER A 65 22.87 -38.16 -13.78
C SER A 65 23.39 -36.85 -14.39
N LEU A 66 23.41 -35.79 -13.60
CA LEU A 66 23.85 -34.46 -14.06
C LEU A 66 25.36 -34.28 -14.15
N LYS A 67 25.81 -33.69 -15.24
CA LYS A 67 27.25 -33.43 -15.42
C LYS A 67 27.70 -32.41 -14.39
N LYS A 68 28.67 -32.80 -13.58
CA LYS A 68 29.23 -31.92 -12.56
C LYS A 68 29.68 -30.68 -13.36
N PRO A 69 29.29 -29.48 -12.94
CA PRO A 69 28.46 -29.17 -11.77
C PRO A 69 27.01 -29.41 -12.12
N ARG A 70 26.28 -29.98 -11.19
CA ARG A 70 24.88 -30.17 -11.49
C ARG A 70 24.26 -28.77 -11.64
N LYS A 71 23.07 -28.75 -12.20
CA LYS A 71 22.32 -27.55 -12.45
C LYS A 71 20.88 -27.97 -12.24
N ALA A 72 20.22 -27.40 -11.24
CA ALA A 72 18.83 -27.74 -11.03
C ALA A 72 17.90 -26.53 -10.94
N LEU A 73 16.97 -26.45 -11.88
CA LEU A 73 16.00 -25.37 -11.87
C LEU A 73 14.89 -25.84 -10.94
N ILE A 74 14.72 -25.11 -9.85
CA ILE A 74 13.68 -25.49 -8.94
C ILE A 74 12.43 -24.77 -9.40
N LEU A 75 11.54 -25.56 -10.01
CA LEU A 75 10.28 -25.07 -10.54
C LEU A 75 9.09 -25.45 -9.70
N VAL A 76 9.31 -25.57 -8.40
CA VAL A 76 8.22 -25.91 -7.50
C VAL A 76 7.74 -24.60 -6.92
N GLN A 77 6.57 -24.19 -7.39
CA GLN A 77 5.87 -22.98 -6.97
C GLN A 77 5.49 -23.25 -5.50
N ALA A 78 6.13 -22.51 -4.61
CA ALA A 78 5.92 -22.68 -3.20
C ALA A 78 6.56 -21.52 -2.47
N GLY A 79 6.97 -21.80 -1.24
CA GLY A 79 7.65 -20.83 -0.40
C GLY A 79 8.34 -21.80 0.54
N ALA A 80 7.51 -22.67 1.10
CA ALA A 80 7.95 -23.68 2.03
C ALA A 80 8.51 -24.88 1.27
N ALA A 81 7.73 -25.39 0.32
CA ALA A 81 8.17 -26.54 -0.44
C ALA A 81 9.50 -26.24 -1.10
N THR A 82 9.70 -25.00 -1.51
CA THR A 82 10.96 -24.59 -2.11
C THR A 82 12.12 -24.79 -1.12
N ASP A 83 11.92 -24.41 0.13
CA ASP A 83 12.97 -24.60 1.13
C ASP A 83 13.12 -26.10 1.39
N SER A 84 12.00 -26.83 1.42
CA SER A 84 12.06 -28.26 1.66
C SER A 84 12.87 -28.96 0.56
N THR A 85 12.57 -28.59 -0.69
CA THR A 85 13.25 -29.13 -1.86
C THR A 85 14.73 -28.79 -1.78
N ILE A 86 15.04 -27.54 -1.39
CA ILE A 86 16.43 -27.13 -1.28
C ILE A 86 17.18 -27.99 -0.29
N GLU A 87 16.49 -28.50 0.74
CA GLU A 87 17.16 -29.36 1.72
C GLU A 87 17.49 -30.75 1.11
N GLN A 88 16.50 -31.36 0.45
CA GLN A 88 16.66 -32.65 -0.24
C GLN A 88 17.92 -32.56 -1.08
N LEU A 89 17.88 -31.64 -2.04
CA LEU A 89 18.97 -31.34 -2.95
C LEU A 89 20.33 -31.11 -2.26
N LYS A 90 20.39 -30.11 -1.40
CA LYS A 90 21.60 -29.72 -0.65
C LYS A 90 22.38 -30.92 -0.15
N LYS A 91 21.65 -31.96 0.27
CA LYS A 91 22.27 -33.16 0.81
C LYS A 91 22.89 -34.06 -0.25
N VAL A 92 22.13 -34.33 -1.30
CA VAL A 92 22.59 -35.18 -2.40
C VAL A 92 23.51 -34.44 -3.38
N PHE A 93 23.78 -33.16 -3.13
CA PHE A 93 24.64 -32.38 -4.00
C PHE A 93 26.04 -32.14 -3.49
N GLU A 94 26.93 -31.90 -4.43
CA GLU A 94 28.33 -31.67 -4.13
C GLU A 94 28.82 -30.26 -4.29
N LYS A 95 29.88 -30.00 -3.54
CA LYS A 95 30.57 -28.72 -3.50
C LYS A 95 30.84 -28.19 -4.92
N GLY A 96 30.21 -27.07 -5.26
CA GLY A 96 30.39 -26.48 -6.57
C GLY A 96 29.11 -26.41 -7.40
N ASP A 97 28.26 -27.43 -7.24
CA ASP A 97 27.01 -27.49 -7.97
C ASP A 97 26.15 -26.21 -7.91
N ILE A 98 25.08 -26.20 -8.70
CA ILE A 98 24.21 -25.03 -8.79
C ILE A 98 22.75 -25.32 -8.49
N LEU A 99 22.10 -24.35 -7.86
CA LEU A 99 20.69 -24.46 -7.53
C LEU A 99 20.11 -23.17 -8.01
N VAL A 100 19.23 -23.25 -8.98
CA VAL A 100 18.60 -22.05 -9.50
C VAL A 100 17.13 -22.06 -9.07
N ASP A 101 16.74 -21.07 -8.28
CA ASP A 101 15.35 -21.01 -7.85
C ASP A 101 14.59 -20.08 -8.78
N THR A 102 13.75 -20.67 -9.61
CA THR A 102 12.93 -19.91 -10.55
C THR A 102 11.57 -19.66 -9.89
N GLY A 103 11.56 -19.99 -8.59
CA GLY A 103 10.43 -19.93 -7.67
C GLY A 103 9.28 -18.96 -7.59
N ASN A 104 9.55 -17.68 -7.34
CA ASN A 104 8.53 -16.61 -7.20
C ASN A 104 8.28 -16.17 -5.74
N ALA A 105 9.32 -16.09 -4.91
CA ALA A 105 9.19 -15.65 -3.53
C ALA A 105 9.89 -14.29 -3.41
N HIS A 106 9.84 -13.70 -2.22
CA HIS A 106 10.40 -12.37 -1.96
C HIS A 106 11.89 -12.36 -2.25
N PHE A 107 12.37 -11.29 -2.86
CA PHE A 107 13.79 -11.20 -3.18
C PHE A 107 14.61 -11.31 -1.89
N LYS A 108 13.99 -10.92 -0.77
CA LYS A 108 14.64 -10.96 0.52
C LYS A 108 15.01 -12.38 0.91
N ASP A 109 14.14 -13.34 0.57
CA ASP A 109 14.37 -14.78 0.84
C ASP A 109 15.55 -15.27 -0.01
N GLN A 110 15.63 -14.78 -1.25
CA GLN A 110 16.71 -15.20 -2.12
C GLN A 110 18.04 -14.75 -1.53
N GLY A 111 18.07 -13.55 -0.96
CA GLY A 111 19.31 -13.08 -0.36
C GLY A 111 19.77 -14.02 0.75
N ARG A 112 18.81 -14.68 1.40
CA ARG A 112 19.09 -15.62 2.47
C ARG A 112 19.63 -16.91 1.85
N ARG A 113 18.76 -17.68 1.19
CA ARG A 113 19.11 -18.94 0.55
C ARG A 113 20.49 -18.91 -0.09
N ALA A 114 20.78 -17.85 -0.84
CA ALA A 114 22.08 -17.67 -1.51
C ALA A 114 23.18 -17.67 -0.48
N GLN A 115 23.20 -16.64 0.35
CA GLN A 115 24.18 -16.45 1.41
C GLN A 115 24.52 -17.68 2.25
N GLN A 116 23.51 -18.46 2.68
CA GLN A 116 23.76 -19.68 3.48
C GLN A 116 24.63 -20.62 2.64
N LEU A 117 24.05 -20.95 1.50
CA LEU A 117 24.58 -21.87 0.51
C LEU A 117 26.01 -21.69 0.06
N GLU A 118 26.40 -20.47 -0.30
CA GLU A 118 27.78 -20.24 -0.74
C GLU A 118 28.72 -20.65 0.39
N ALA A 119 28.30 -20.38 1.62
CA ALA A 119 29.06 -20.72 2.81
C ALA A 119 28.97 -22.24 3.08
N ALA A 120 28.10 -22.90 2.32
CA ALA A 120 27.91 -24.34 2.41
C ALA A 120 28.48 -25.03 1.17
N GLY A 121 29.13 -24.24 0.32
CA GLY A 121 29.75 -24.75 -0.89
C GLY A 121 29.00 -24.84 -2.22
N LEU A 122 27.68 -24.73 -2.18
CA LEU A 122 26.92 -24.82 -3.41
C LEU A 122 26.71 -23.41 -3.93
N ARG A 123 26.44 -23.29 -5.22
CA ARG A 123 26.21 -21.98 -5.82
C ARG A 123 24.74 -21.77 -6.13
N PHE A 124 24.25 -20.59 -5.80
CA PHE A 124 22.85 -20.27 -5.97
C PHE A 124 22.60 -19.17 -7.00
N LEU A 125 21.34 -19.07 -7.40
CA LEU A 125 20.89 -18.12 -8.40
C LEU A 125 19.36 -18.01 -8.29
N GLY A 126 18.86 -16.81 -8.07
CA GLY A 126 17.42 -16.61 -7.99
C GLY A 126 17.06 -16.12 -9.37
N MET A 127 16.20 -16.82 -10.11
CA MET A 127 15.85 -16.42 -11.49
C MET A 127 14.34 -16.47 -11.79
N GLY A 128 13.82 -15.38 -12.37
CA GLY A 128 12.40 -15.30 -12.69
C GLY A 128 12.05 -15.87 -14.05
N ILE A 129 10.79 -16.26 -14.24
CA ILE A 129 10.34 -16.81 -15.52
C ILE A 129 8.94 -16.24 -15.79
N SER A 130 8.73 -15.58 -16.92
CA SER A 130 7.40 -15.07 -17.21
C SER A 130 7.06 -15.55 -18.60
N GLY A 131 5.78 -15.81 -18.82
CA GLY A 131 5.31 -16.28 -20.10
C GLY A 131 4.08 -17.13 -19.92
N GLY A 132 3.89 -17.67 -18.74
CA GLY A 132 2.75 -18.53 -18.52
C GLY A 132 2.98 -19.91 -19.13
N GLU A 133 1.90 -20.65 -19.33
CA GLU A 133 1.98 -21.99 -19.90
C GLU A 133 2.60 -22.00 -21.29
N GLU A 134 2.04 -21.19 -22.19
CA GLU A 134 2.53 -21.09 -23.56
C GLU A 134 3.98 -20.55 -23.58
N GLY A 135 4.21 -19.49 -22.82
CA GLY A 135 5.54 -18.90 -22.79
C GLY A 135 6.60 -19.90 -22.38
N ALA A 136 6.29 -20.74 -21.39
CA ALA A 136 7.20 -21.76 -20.87
C ALA A 136 7.58 -22.74 -21.96
N ARG A 137 6.59 -23.20 -22.69
CA ARG A 137 6.78 -24.14 -23.79
C ARG A 137 7.47 -23.53 -25.02
N LYS A 138 7.14 -22.29 -25.35
CA LYS A 138 7.70 -21.66 -26.54
C LYS A 138 8.90 -20.76 -26.37
N GLY A 139 8.97 -20.07 -25.24
CA GLY A 139 10.10 -19.17 -25.00
C GLY A 139 9.71 -18.00 -24.14
N PRO A 140 10.02 -18.08 -22.84
CA PRO A 140 9.72 -17.05 -21.87
C PRO A 140 10.86 -16.10 -21.72
N ALA A 141 10.78 -15.28 -20.67
CA ALA A 141 11.83 -14.35 -20.34
C ALA A 141 12.30 -14.82 -19.00
N PHE A 142 13.60 -14.65 -18.73
CA PHE A 142 14.17 -15.02 -17.45
C PHE A 142 14.79 -13.77 -16.83
N PHE A 143 14.86 -13.70 -15.51
CA PHE A 143 15.46 -12.51 -14.89
C PHE A 143 16.33 -13.00 -13.76
N PRO A 144 17.60 -13.29 -14.07
CA PRO A 144 18.57 -13.79 -13.11
C PRO A 144 19.34 -12.73 -12.36
N GLY A 145 19.70 -13.13 -11.14
CA GLY A 145 20.47 -12.33 -10.23
C GLY A 145 21.18 -13.36 -9.35
N GLY A 146 22.43 -13.08 -8.99
CA GLY A 146 23.17 -14.01 -8.15
C GLY A 146 24.64 -13.95 -8.55
N THR A 147 25.36 -15.03 -8.29
CA THR A 147 26.79 -15.05 -8.62
C THR A 147 27.16 -14.87 -10.11
N LEU A 148 27.95 -13.83 -10.35
CA LEU A 148 28.42 -13.44 -11.67
C LEU A 148 29.01 -14.58 -12.47
N SER A 149 29.72 -15.45 -11.78
CA SER A 149 30.36 -16.60 -12.42
C SER A 149 29.34 -17.69 -12.74
N VAL A 150 28.38 -17.88 -11.83
CA VAL A 150 27.33 -18.89 -12.01
C VAL A 150 26.56 -18.64 -13.30
N TRP A 151 26.34 -17.38 -13.63
CA TRP A 151 25.62 -17.04 -14.85
C TRP A 151 26.27 -17.67 -16.08
N GLU A 152 27.55 -17.37 -16.29
CA GLU A 152 28.26 -17.89 -17.46
C GLU A 152 28.12 -19.39 -17.70
N GLU A 153 27.98 -20.16 -16.64
CA GLU A 153 27.82 -21.59 -16.77
C GLU A 153 26.47 -21.95 -17.38
N ILE A 154 25.43 -21.29 -16.87
CA ILE A 154 24.04 -21.50 -17.24
C ILE A 154 23.53 -20.79 -18.50
N ARG A 155 24.19 -19.70 -18.84
CA ARG A 155 23.85 -18.88 -20.01
C ARG A 155 23.39 -19.65 -21.26
N PRO A 156 24.17 -20.64 -21.71
CA PRO A 156 23.80 -21.40 -22.91
C PRO A 156 22.40 -22.04 -22.90
N ILE A 157 22.07 -22.70 -21.78
CA ILE A 157 20.80 -23.37 -21.56
C ILE A 157 19.61 -22.40 -21.57
N VAL A 158 19.74 -21.29 -20.84
CA VAL A 158 18.62 -20.34 -20.81
C VAL A 158 18.52 -19.48 -22.06
N GLU A 159 19.66 -19.05 -22.62
CA GLU A 159 19.63 -18.18 -23.81
C GLU A 159 18.94 -18.89 -24.95
N ALA A 160 19.03 -20.21 -24.94
CA ALA A 160 18.44 -21.04 -25.97
C ALA A 160 16.94 -21.21 -25.84
N ALA A 161 16.46 -21.26 -24.59
CA ALA A 161 15.03 -21.44 -24.32
C ALA A 161 14.28 -20.15 -24.17
N ALA A 162 15.01 -19.04 -24.08
CA ALA A 162 14.37 -17.74 -23.94
C ALA A 162 13.67 -17.38 -25.23
N ALA A 163 12.74 -16.44 -25.13
CA ALA A 163 12.04 -15.92 -26.28
C ALA A 163 13.07 -14.98 -26.91
N LYS A 164 12.99 -14.79 -28.22
CA LYS A 164 13.91 -13.89 -28.95
C LYS A 164 13.09 -12.64 -29.32
N ALA A 165 13.62 -11.46 -29.05
CA ALA A 165 12.93 -10.21 -29.41
C ALA A 165 13.07 -9.94 -30.92
N ASP A 166 12.43 -8.88 -31.43
CA ASP A 166 12.53 -8.60 -32.87
C ASP A 166 13.94 -8.27 -33.35
N ASP A 167 14.92 -8.28 -32.46
CA ASP A 167 16.28 -8.01 -32.86
C ASP A 167 17.20 -9.22 -32.65
N GLY A 168 16.59 -10.40 -32.51
CA GLY A 168 17.35 -11.62 -32.33
C GLY A 168 17.93 -11.82 -30.94
N ARG A 169 17.80 -10.82 -30.07
CA ARG A 169 18.31 -10.92 -28.72
C ARG A 169 17.46 -11.82 -27.83
N PRO A 170 18.12 -12.69 -27.07
CA PRO A 170 17.32 -13.55 -26.19
C PRO A 170 16.90 -12.69 -24.99
N CYS A 171 15.63 -12.84 -24.62
CA CYS A 171 15.13 -12.09 -23.51
C CYS A 171 15.56 -12.64 -22.17
N VAL A 172 16.88 -12.62 -21.93
CA VAL A 172 17.47 -13.08 -20.66
C VAL A 172 18.71 -12.24 -20.52
N THR A 173 19.07 -11.90 -19.29
CA THR A 173 20.26 -11.10 -19.08
C THR A 173 20.54 -11.10 -17.59
N MET A 174 21.80 -11.02 -17.22
CA MET A 174 22.14 -11.00 -15.82
C MET A 174 21.76 -9.61 -15.30
N ASN A 175 20.86 -9.56 -14.33
CA ASN A 175 20.38 -8.31 -13.74
C ASN A 175 21.23 -7.74 -12.58
N GLY A 176 22.08 -8.57 -11.99
CA GLY A 176 22.89 -8.14 -10.86
C GLY A 176 22.92 -9.18 -9.75
N SER A 177 23.57 -8.86 -8.64
CA SER A 177 23.70 -9.82 -7.54
C SER A 177 22.48 -10.17 -6.73
N GLY A 178 22.62 -11.21 -5.91
CA GLY A 178 21.57 -11.66 -5.02
C GLY A 178 20.16 -11.87 -5.55
N GLY A 179 19.18 -11.22 -4.91
CA GLY A 179 17.78 -11.32 -5.29
C GLY A 179 17.32 -10.39 -6.40
N ALA A 180 18.28 -9.75 -7.07
CA ALA A 180 18.04 -8.83 -8.19
C ALA A 180 17.09 -9.40 -9.25
N GLY A 181 17.24 -10.68 -9.54
CA GLY A 181 16.41 -11.33 -10.53
C GLY A 181 15.00 -11.46 -10.02
N SER A 182 14.88 -11.91 -8.77
CA SER A 182 13.55 -12.10 -8.16
C SER A 182 12.83 -10.76 -7.90
N CYS A 183 13.60 -9.69 -7.77
CA CYS A 183 13.04 -8.39 -7.54
C CYS A 183 12.39 -7.96 -8.84
N VAL A 184 13.13 -8.09 -9.93
CA VAL A 184 12.63 -7.73 -11.26
C VAL A 184 11.33 -8.51 -11.59
N LYS A 185 11.32 -9.79 -11.26
CA LYS A 185 10.15 -10.60 -11.52
C LYS A 185 8.97 -10.07 -10.70
N MET A 186 9.25 -9.68 -9.45
CA MET A 186 8.26 -9.17 -8.52
C MET A 186 7.59 -7.92 -9.10
N TYR A 187 8.40 -6.93 -9.46
CA TYR A 187 7.88 -5.70 -10.01
C TYR A 187 7.25 -5.89 -11.36
N HIS A 188 7.70 -6.90 -12.06
CA HIS A 188 7.13 -7.21 -13.35
C HIS A 188 5.68 -7.58 -13.06
N ASN A 189 5.49 -8.51 -12.15
CA ASN A 189 4.15 -8.95 -11.80
C ASN A 189 3.33 -7.79 -11.25
N SER A 190 4.03 -6.79 -10.72
CA SER A 190 3.39 -5.61 -10.15
C SER A 190 2.72 -4.79 -11.25
N GLY A 191 3.45 -4.55 -12.33
CA GLY A 191 2.93 -3.77 -13.44
C GLY A 191 1.85 -4.58 -14.14
N GLU A 192 2.02 -5.90 -14.13
CA GLU A 192 1.03 -6.76 -14.75
C GLU A 192 -0.33 -6.50 -14.12
N TYR A 193 -0.37 -6.51 -12.77
CA TYR A 193 -1.60 -6.27 -12.02
C TYR A 193 -2.27 -4.95 -12.45
N ALA A 194 -1.50 -3.86 -12.39
CA ALA A 194 -2.04 -2.56 -12.75
C ALA A 194 -2.62 -2.56 -14.15
N ILE A 195 -1.90 -3.18 -15.10
CA ILE A 195 -2.39 -3.18 -16.46
C ILE A 195 -3.64 -4.03 -16.67
N LEU A 196 -3.68 -5.21 -16.06
CA LEU A 196 -4.85 -6.07 -16.21
C LEU A 196 -6.08 -5.37 -15.67
N GLN A 197 -5.90 -4.67 -14.56
CA GLN A 197 -6.99 -3.93 -13.93
C GLN A 197 -7.43 -2.78 -14.87
N ILE A 198 -6.49 -2.19 -15.59
CA ILE A 198 -6.83 -1.11 -16.52
C ILE A 198 -7.76 -1.62 -17.62
N TRP A 199 -7.47 -2.81 -18.14
CA TRP A 199 -8.31 -3.39 -19.16
C TRP A 199 -9.63 -3.71 -18.53
N GLY A 200 -9.59 -4.29 -17.35
CA GLY A 200 -10.82 -4.64 -16.65
C GLY A 200 -11.73 -3.44 -16.46
N GLU A 201 -11.16 -2.29 -16.13
CA GLU A 201 -11.95 -1.07 -15.96
C GLU A 201 -12.55 -0.70 -17.32
N VAL A 202 -11.74 -0.77 -18.38
CA VAL A 202 -12.24 -0.43 -19.71
C VAL A 202 -13.49 -1.24 -20.03
N PHE A 203 -13.44 -2.51 -19.72
CA PHE A 203 -14.56 -3.39 -19.94
C PHE A 203 -15.80 -2.87 -19.16
N ASP A 204 -15.63 -2.70 -17.86
CA ASP A 204 -16.68 -2.21 -16.99
C ASP A 204 -17.24 -0.87 -17.52
N ILE A 205 -16.38 0.05 -17.91
CA ILE A 205 -16.79 1.35 -18.42
C ILE A 205 -17.64 1.28 -19.69
N LEU A 206 -17.17 0.49 -20.65
CA LEU A 206 -17.87 0.34 -21.90
C LEU A 206 -19.21 -0.37 -21.69
N ARG A 207 -19.22 -1.34 -20.79
CA ARG A 207 -20.45 -2.06 -20.53
C ARG A 207 -21.48 -1.12 -19.92
N ALA A 208 -20.99 -0.25 -19.07
CA ALA A 208 -21.81 0.72 -18.39
C ALA A 208 -22.38 1.64 -19.46
N MET A 209 -21.55 2.02 -20.42
CA MET A 209 -21.98 2.93 -21.48
C MET A 209 -22.87 2.31 -22.55
N GLY A 210 -23.27 1.07 -22.37
CA GLY A 210 -24.15 0.45 -23.35
C GLY A 210 -23.59 -0.58 -24.33
N LEU A 211 -22.29 -0.76 -24.38
CA LEU A 211 -21.75 -1.73 -25.30
C LEU A 211 -21.90 -3.10 -24.74
N ASN A 212 -22.12 -4.08 -25.60
CA ASN A 212 -22.23 -5.47 -25.16
C ASN A 212 -20.85 -6.06 -25.35
N ASN A 213 -20.62 -7.29 -24.89
CA ASN A 213 -19.28 -7.90 -24.97
C ASN A 213 -18.63 -7.88 -26.34
N ASP A 214 -19.41 -8.08 -27.40
CA ASP A 214 -18.88 -8.06 -28.77
C ASP A 214 -18.41 -6.67 -29.20
N GLU A 215 -19.23 -5.67 -28.91
CA GLU A 215 -18.92 -4.31 -29.31
C GLU A 215 -17.66 -3.78 -28.61
N VAL A 216 -17.42 -4.25 -27.40
CA VAL A 216 -16.26 -3.85 -26.64
C VAL A 216 -15.05 -4.40 -27.38
N ALA A 217 -15.10 -5.69 -27.67
CA ALA A 217 -14.00 -6.35 -28.36
C ALA A 217 -13.60 -5.64 -29.66
N ALA A 218 -14.57 -5.12 -30.39
CA ALA A 218 -14.27 -4.43 -31.63
C ALA A 218 -13.46 -3.18 -31.34
N VAL A 219 -13.70 -2.52 -30.21
CA VAL A 219 -12.88 -1.34 -29.96
C VAL A 219 -11.47 -1.73 -29.52
N LEU A 220 -11.36 -2.85 -28.80
CA LEU A 220 -10.03 -3.32 -28.37
C LEU A 220 -9.27 -3.68 -29.63
N GLU A 221 -9.96 -4.38 -30.52
CA GLU A 221 -9.42 -4.80 -31.80
C GLU A 221 -9.01 -3.59 -32.66
N ASP A 222 -9.78 -2.50 -32.59
CA ASP A 222 -9.44 -1.30 -33.32
C ASP A 222 -8.20 -0.69 -32.68
N TRP A 223 -8.19 -0.68 -31.35
CA TRP A 223 -7.04 -0.11 -30.66
C TRP A 223 -5.77 -0.91 -30.93
N LYS A 224 -5.92 -2.20 -31.14
CA LYS A 224 -4.82 -3.10 -31.43
C LYS A 224 -4.25 -2.71 -32.79
N SER A 225 -5.14 -2.44 -33.75
CA SER A 225 -4.69 -2.07 -35.08
C SER A 225 -4.00 -0.71 -35.13
N LYS A 226 -4.32 0.18 -34.19
CA LYS A 226 -3.66 1.51 -34.15
C LYS A 226 -2.22 1.35 -33.70
N ASN A 227 -1.88 0.13 -33.27
CA ASN A 227 -0.51 -0.23 -32.89
C ASN A 227 0.17 0.08 -31.56
N PHE A 228 -0.04 1.27 -31.02
CA PHE A 228 0.60 1.71 -29.79
C PHE A 228 0.37 0.80 -28.58
N LEU A 229 -0.83 0.28 -28.46
CA LEU A 229 -1.19 -0.59 -27.35
C LEU A 229 -1.05 -2.06 -27.65
N LYS A 230 -0.54 -2.41 -28.82
CA LYS A 230 -0.40 -3.81 -29.17
C LYS A 230 0.36 -4.49 -28.07
N SER A 231 -0.31 -5.43 -27.42
CA SER A 231 0.30 -6.17 -26.34
C SER A 231 -0.41 -7.49 -26.11
N TYR A 232 0.26 -8.36 -25.36
CA TYR A 232 -0.26 -9.67 -25.01
C TYR A 232 -1.52 -9.50 -24.17
N MET A 233 -1.43 -8.68 -23.13
CA MET A 233 -2.56 -8.43 -22.26
C MET A 233 -3.74 -7.92 -23.04
N LEU A 234 -3.49 -7.13 -24.08
CA LEU A 234 -4.60 -6.64 -24.89
C LEU A 234 -5.23 -7.86 -25.57
N ASP A 235 -4.41 -8.70 -26.20
CA ASP A 235 -4.90 -9.90 -26.87
C ASP A 235 -5.77 -10.79 -25.98
N ILE A 236 -5.30 -11.04 -24.77
CA ILE A 236 -6.05 -11.88 -23.84
C ILE A 236 -7.36 -11.22 -23.41
N SER A 237 -7.41 -9.90 -23.38
CA SER A 237 -8.63 -9.21 -22.98
C SER A 237 -9.67 -9.43 -24.07
N ILE A 238 -9.21 -9.44 -25.31
CA ILE A 238 -10.11 -9.64 -26.42
C ILE A 238 -10.68 -11.05 -26.30
N ALA A 239 -9.81 -12.01 -26.02
CA ALA A 239 -10.23 -13.42 -25.91
C ALA A 239 -11.29 -13.51 -24.80
N ALA A 240 -10.90 -12.96 -23.66
CA ALA A 240 -11.72 -12.90 -22.46
C ALA A 240 -13.11 -12.32 -22.74
N ALA A 241 -13.16 -11.25 -23.53
CA ALA A 241 -14.42 -10.60 -23.84
C ALA A 241 -15.31 -11.38 -24.83
N ARG A 242 -14.70 -12.02 -25.83
CA ARG A 242 -15.45 -12.76 -26.84
C ARG A 242 -15.89 -14.15 -26.34
N ALA A 243 -15.19 -14.68 -25.35
CA ALA A 243 -15.49 -15.99 -24.79
C ALA A 243 -16.97 -16.25 -24.51
N LYS A 244 -17.43 -17.43 -24.89
CA LYS A 244 -18.82 -17.82 -24.72
C LYS A 244 -19.04 -19.15 -24.02
N ASP A 245 -20.06 -19.17 -23.17
CA ASP A 245 -20.46 -20.33 -22.37
C ASP A 245 -21.11 -21.43 -23.25
N LYS A 246 -21.24 -22.62 -22.67
CA LYS A 246 -21.87 -23.80 -23.30
C LYS A 246 -23.29 -23.42 -23.75
N ASP A 247 -23.99 -22.62 -22.95
CA ASP A 247 -25.34 -22.19 -23.30
C ASP A 247 -25.38 -21.01 -24.30
N GLY A 248 -24.24 -20.74 -24.95
CA GLY A 248 -24.15 -19.68 -25.93
C GLY A 248 -24.26 -18.24 -25.46
N SER A 249 -23.92 -17.97 -24.20
CA SER A 249 -23.96 -16.61 -23.69
C SER A 249 -22.52 -16.18 -23.30
N TYR A 250 -22.30 -14.91 -23.02
CA TYR A 250 -20.95 -14.49 -22.69
C TYR A 250 -20.52 -15.05 -21.37
N LEU A 251 -19.33 -15.63 -21.38
CA LEU A 251 -18.76 -16.25 -20.21
C LEU A 251 -18.72 -15.33 -19.01
N THR A 252 -18.27 -14.10 -19.24
CA THR A 252 -18.14 -13.07 -18.20
C THR A 252 -19.34 -12.95 -17.27
N GLU A 253 -20.54 -13.15 -17.80
CA GLU A 253 -21.75 -13.02 -16.99
C GLU A 253 -21.97 -14.17 -16.00
N HIS A 254 -21.20 -15.25 -16.13
CA HIS A 254 -21.35 -16.37 -15.23
C HIS A 254 -20.20 -16.44 -14.27
N VAL A 255 -19.28 -15.48 -14.41
CA VAL A 255 -18.10 -15.40 -13.58
C VAL A 255 -18.26 -14.68 -12.25
N MET A 256 -17.93 -15.38 -11.17
CA MET A 256 -17.99 -14.78 -9.85
C MET A 256 -16.91 -13.69 -9.75
N ASP A 257 -17.32 -12.48 -9.42
CA ASP A 257 -16.37 -11.38 -9.33
C ASP A 257 -15.45 -11.31 -8.11
N ARG A 258 -14.57 -12.31 -7.97
CA ARG A 258 -13.60 -12.39 -6.88
C ARG A 258 -12.29 -12.78 -7.50
N ILE A 259 -11.33 -11.85 -7.45
CA ILE A 259 -10.00 -12.05 -8.05
C ILE A 259 -8.96 -12.58 -7.07
N GLY A 260 -8.48 -13.79 -7.34
CA GLY A 260 -7.47 -14.38 -6.47
C GLY A 260 -6.11 -13.77 -6.79
N SER A 261 -5.17 -13.95 -5.87
CA SER A 261 -3.85 -13.44 -6.09
C SER A 261 -2.93 -14.34 -5.30
N LYS A 262 -1.66 -14.33 -5.65
CA LYS A 262 -0.68 -15.16 -5.01
C LYS A 262 0.47 -14.45 -4.33
N GLY A 263 0.34 -13.14 -4.09
CA GLY A 263 1.40 -12.43 -3.40
C GLY A 263 2.44 -11.53 -4.06
N THR A 264 2.99 -11.92 -5.22
CA THR A 264 3.99 -11.07 -5.89
C THR A 264 3.52 -9.62 -5.87
N GLY A 265 2.28 -9.39 -6.31
CA GLY A 265 1.72 -8.05 -6.33
C GLY A 265 1.68 -7.39 -4.95
N LEU A 266 1.21 -8.14 -3.95
CA LEU A 266 1.12 -7.67 -2.59
C LEU A 266 2.45 -7.18 -2.06
N TRP A 267 3.51 -7.94 -2.31
CA TRP A 267 4.82 -7.57 -1.80
C TRP A 267 5.41 -6.39 -2.47
N SER A 268 5.25 -6.32 -3.78
CA SER A 268 5.82 -5.21 -4.52
C SER A 268 5.21 -3.93 -3.98
N ALA A 269 3.95 -4.01 -3.61
CA ALA A 269 3.24 -2.86 -3.07
C ALA A 269 3.83 -2.49 -1.71
N GLN A 270 4.08 -3.50 -0.90
CA GLN A 270 4.62 -3.25 0.40
C GLN A 270 6.04 -2.74 0.39
N GLU A 271 6.86 -3.20 -0.55
CA GLU A 271 8.25 -2.72 -0.60
C GLU A 271 8.33 -1.32 -1.18
N ALA A 272 7.47 -1.04 -2.16
CA ALA A 272 7.42 0.27 -2.79
C ALA A 272 7.12 1.27 -1.71
N LEU A 273 6.24 0.87 -0.81
CA LEU A 273 5.81 1.67 0.32
C LEU A 273 6.99 1.77 1.28
N GLU A 274 7.64 0.63 1.51
CA GLU A 274 8.81 0.51 2.39
C GLU A 274 9.90 1.52 2.01
N ILE A 275 10.51 1.33 0.85
CA ILE A 275 11.55 2.24 0.37
C ILE A 275 11.02 3.65 0.09
N GLY A 276 9.70 3.80 0.05
CA GLY A 276 9.14 5.12 -0.13
C GLY A 276 8.93 5.72 -1.49
N VAL A 277 9.06 4.93 -2.54
CA VAL A 277 8.82 5.49 -3.88
C VAL A 277 7.31 5.49 -4.12
N PRO A 278 6.76 6.61 -4.64
CA PRO A 278 5.32 6.67 -4.90
C PRO A 278 4.96 5.85 -6.10
N ALA A 279 4.03 4.93 -5.86
CA ALA A 279 3.54 4.06 -6.89
C ALA A 279 2.05 3.82 -6.65
N PRO A 280 1.22 4.86 -6.86
CA PRO A 280 -0.23 4.73 -6.65
C PRO A 280 -0.90 3.63 -7.47
N SER A 281 -0.56 3.55 -8.76
CA SER A 281 -1.19 2.55 -9.60
C SER A 281 -0.88 1.13 -9.13
N LEU A 282 0.34 0.91 -8.67
CA LEU A 282 0.75 -0.40 -8.22
C LEU A 282 -0.01 -0.81 -6.99
N ASN A 283 -0.34 0.14 -6.14
CA ASN A 283 -1.07 -0.19 -4.92
C ASN A 283 -2.50 -0.43 -5.18
N MET A 284 -3.13 0.51 -5.85
CA MET A 284 -4.53 0.40 -6.13
C MET A 284 -4.85 -0.78 -6.98
N ALA A 285 -3.84 -1.37 -7.61
CA ALA A 285 -4.09 -2.57 -8.39
C ALA A 285 -4.40 -3.68 -7.38
N VAL A 286 -3.65 -3.74 -6.29
CA VAL A 286 -3.90 -4.74 -5.27
C VAL A 286 -5.19 -4.42 -4.55
N VAL A 287 -5.39 -3.15 -4.21
CA VAL A 287 -6.60 -2.73 -3.51
C VAL A 287 -7.86 -3.10 -4.31
N SER A 288 -7.79 -2.89 -5.63
CA SER A 288 -8.89 -3.21 -6.52
C SER A 288 -9.27 -4.69 -6.37
N ARG A 289 -8.28 -5.56 -6.20
CA ARG A 289 -8.59 -6.99 -6.02
C ARG A 289 -9.22 -7.20 -4.65
N GLN A 290 -8.66 -6.52 -3.65
CA GLN A 290 -9.18 -6.63 -2.31
C GLN A 290 -10.67 -6.24 -2.37
N PHE A 291 -11.01 -5.23 -3.17
CA PHE A 291 -12.43 -4.86 -3.32
C PHE A 291 -13.26 -6.08 -3.70
N THR A 292 -12.85 -6.81 -4.72
CA THR A 292 -13.62 -7.96 -5.19
C THR A 292 -13.77 -9.07 -4.17
N MET A 293 -12.68 -9.42 -3.52
CA MET A 293 -12.72 -10.45 -2.48
C MET A 293 -13.80 -10.20 -1.41
N TYR A 294 -14.21 -8.97 -1.21
CA TYR A 294 -15.21 -8.67 -0.20
C TYR A 294 -16.59 -8.68 -0.76
N LYS A 295 -16.84 -9.67 -1.59
CA LYS A 295 -18.14 -9.90 -2.25
C LYS A 295 -19.27 -9.92 -1.24
N THR A 296 -19.11 -10.72 -0.19
CA THR A 296 -20.10 -10.83 0.87
C THR A 296 -20.46 -9.50 1.52
N GLU A 297 -19.44 -8.75 1.92
CA GLU A 297 -19.65 -7.44 2.55
C GLU A 297 -20.35 -6.49 1.59
N ARG A 298 -19.89 -6.44 0.34
CA ARG A 298 -20.48 -5.57 -0.68
C ARG A 298 -21.95 -5.91 -0.86
N GLN A 299 -22.29 -7.20 -0.85
CA GLN A 299 -23.68 -7.63 -1.00
C GLN A 299 -24.53 -7.18 0.18
N ALA A 300 -23.97 -7.26 1.38
CA ALA A 300 -24.68 -6.85 2.59
C ALA A 300 -24.92 -5.35 2.59
N ASN A 301 -23.87 -4.57 2.31
CA ASN A 301 -23.97 -3.10 2.27
C ASN A 301 -25.05 -2.68 1.31
N ALA A 302 -25.10 -3.38 0.18
CA ALA A 302 -26.08 -3.11 -0.85
C ALA A 302 -27.50 -3.27 -0.34
N SER A 303 -27.74 -4.38 0.33
CA SER A 303 -29.06 -4.66 0.89
C SER A 303 -29.49 -3.58 1.88
N ASN A 304 -28.55 -3.16 2.72
CA ASN A 304 -28.78 -2.14 3.73
C ASN A 304 -29.08 -0.78 3.17
N ALA A 305 -28.57 -0.51 1.98
CA ALA A 305 -28.77 0.79 1.33
C ALA A 305 -28.98 0.57 -0.18
N PRO A 306 -30.17 0.07 -0.55
CA PRO A 306 -30.54 -0.21 -1.93
C PRO A 306 -30.30 0.96 -2.88
N GLY A 307 -29.60 0.71 -3.98
CA GLY A 307 -29.33 1.74 -4.98
C GLY A 307 -28.89 3.10 -4.48
N ILE A 308 -27.97 3.13 -3.51
CA ILE A 308 -27.45 4.38 -2.96
C ILE A 308 -26.49 5.00 -3.97
N THR A 309 -25.77 4.16 -4.68
CA THR A 309 -24.79 4.52 -5.70
C THR A 309 -25.37 5.04 -7.04
N GLN A 310 -26.69 5.04 -7.16
CA GLN A 310 -27.35 5.49 -8.38
C GLN A 310 -26.89 6.81 -8.98
N SER A 311 -26.58 6.79 -10.29
CA SER A 311 -26.14 7.97 -11.05
C SER A 311 -27.07 8.25 -12.27
N PRO A 312 -26.90 9.42 -12.93
CA PRO A 312 -27.76 9.69 -14.08
C PRO A 312 -27.58 8.75 -15.27
N GLY A 313 -26.40 8.13 -15.33
CA GLY A 313 -26.06 7.24 -16.41
C GLY A 313 -25.61 8.01 -17.64
N TYR A 314 -25.22 7.27 -18.67
CA TYR A 314 -24.80 7.85 -19.93
C TYR A 314 -24.73 6.72 -20.94
N THR A 315 -25.75 6.60 -21.78
CA THR A 315 -25.82 5.59 -22.81
C THR A 315 -25.24 6.18 -24.04
N LEU A 316 -24.29 5.47 -24.66
CA LEU A 316 -23.60 5.96 -25.87
C LEU A 316 -24.43 6.05 -27.15
N LYS A 317 -24.42 7.25 -27.75
CA LYS A 317 -25.14 7.49 -28.98
C LYS A 317 -24.40 6.75 -30.10
N ASN A 318 -23.06 6.79 -30.05
CA ASN A 318 -22.21 6.12 -31.05
C ASN A 318 -21.34 5.00 -30.46
N LYS A 319 -21.86 3.76 -30.52
CA LYS A 319 -21.18 2.56 -30.02
C LYS A 319 -20.08 1.99 -30.96
N SER A 320 -19.48 2.87 -31.78
CA SER A 320 -18.46 2.47 -32.74
C SER A 320 -17.10 2.97 -32.32
N PRO A 321 -16.03 2.23 -32.67
CA PRO A 321 -14.66 2.65 -32.29
C PRO A 321 -14.26 4.09 -32.69
N SER A 322 -14.97 4.67 -33.66
CA SER A 322 -14.66 6.03 -34.13
C SER A 322 -15.42 7.09 -33.36
N GLY A 323 -16.28 6.68 -32.44
CA GLY A 323 -17.03 7.63 -31.65
C GLY A 323 -16.12 8.57 -30.88
N PRO A 324 -16.52 9.83 -30.73
CA PRO A 324 -15.72 10.84 -29.99
C PRO A 324 -15.22 10.46 -28.57
N GLU A 325 -16.11 9.89 -27.75
CA GLU A 325 -15.78 9.50 -26.39
C GLU A 325 -14.86 8.30 -26.38
N ILE A 326 -15.10 7.36 -27.27
CA ILE A 326 -14.23 6.20 -27.30
C ILE A 326 -12.82 6.59 -27.64
N LYS A 327 -12.66 7.69 -28.35
CA LYS A 327 -11.33 8.15 -28.67
C LYS A 327 -10.76 8.81 -27.47
N GLN A 328 -11.61 9.32 -26.59
CA GLN A 328 -11.17 9.96 -25.34
C GLN A 328 -10.63 8.89 -24.40
N LEU A 329 -11.29 7.74 -24.41
CA LEU A 329 -10.90 6.64 -23.57
C LEU A 329 -9.56 6.11 -24.02
N TYR A 330 -9.42 5.96 -25.33
CA TYR A 330 -8.19 5.48 -25.92
C TYR A 330 -7.02 6.20 -25.30
N ASP A 331 -7.01 7.52 -25.40
CA ASP A 331 -5.89 8.30 -24.89
C ASP A 331 -5.66 8.10 -23.42
N SER A 332 -6.76 7.95 -22.70
CA SER A 332 -6.71 7.76 -21.27
C SER A 332 -5.91 6.52 -21.01
N VAL A 333 -6.34 5.42 -21.62
CA VAL A 333 -5.65 4.17 -21.45
C VAL A 333 -4.15 4.28 -21.82
N CYS A 334 -3.83 4.84 -22.98
CA CYS A 334 -2.44 5.00 -23.40
C CYS A 334 -1.59 5.64 -22.30
N ILE A 335 -2.04 6.79 -21.80
CA ILE A 335 -1.29 7.48 -20.76
C ILE A 335 -1.27 6.70 -19.47
N ALA A 336 -2.43 6.17 -19.08
CA ALA A 336 -2.55 5.41 -17.85
C ALA A 336 -1.54 4.25 -17.83
N ILE A 337 -1.50 3.50 -18.93
CA ILE A 337 -0.56 2.40 -19.06
C ILE A 337 0.89 2.92 -18.99
N ILE A 338 1.15 4.03 -19.68
CA ILE A 338 2.50 4.57 -19.66
C ILE A 338 2.94 4.87 -18.24
N SER A 339 2.03 5.41 -17.43
CA SER A 339 2.41 5.73 -16.04
C SER A 339 2.61 4.47 -15.23
N CYS A 340 1.92 3.40 -15.59
CA CYS A 340 2.12 2.16 -14.85
C CYS A 340 3.55 1.72 -15.04
N TYR A 341 4.00 1.71 -16.30
CA TYR A 341 5.39 1.33 -16.59
C TYR A 341 6.30 2.30 -15.87
N ALA A 342 6.00 3.60 -15.94
CA ALA A 342 6.86 4.59 -15.29
C ALA A 342 7.15 4.23 -13.84
N GLN A 343 6.09 4.07 -13.06
CA GLN A 343 6.21 3.76 -11.66
C GLN A 343 7.01 2.49 -11.47
N MET A 344 6.67 1.46 -12.24
CA MET A 344 7.36 0.17 -12.14
C MET A 344 8.90 0.35 -12.25
N PHE A 345 9.35 1.13 -13.23
CA PHE A 345 10.78 1.34 -13.41
C PHE A 345 11.38 2.20 -12.36
N GLN A 346 10.64 3.18 -11.88
CA GLN A 346 11.16 4.01 -10.81
C GLN A 346 11.36 3.15 -9.57
N CYS A 347 10.49 2.19 -9.32
CA CYS A 347 10.68 1.37 -8.15
C CYS A 347 11.94 0.58 -8.27
N LEU A 348 12.14 -0.03 -9.43
CA LEU A 348 13.33 -0.82 -9.70
C LEU A 348 14.59 0.00 -9.57
N ARG A 349 14.60 1.19 -10.18
CA ARG A 349 15.75 2.06 -10.11
C ARG A 349 16.14 2.33 -8.68
N GLU A 350 15.15 2.66 -7.87
CA GLU A 350 15.36 2.95 -6.46
C GLU A 350 15.80 1.74 -5.67
N MET A 351 15.22 0.61 -6.00
CA MET A 351 15.55 -0.63 -5.35
C MET A 351 17.05 -0.96 -5.58
N ASP A 352 17.59 -0.58 -6.75
CA ASP A 352 19.01 -0.82 -7.08
C ASP A 352 19.89 0.07 -6.21
N LYS A 353 19.53 1.35 -6.14
CA LYS A 353 20.27 2.30 -5.34
C LYS A 353 20.34 1.76 -3.90
N VAL A 354 19.21 1.34 -3.37
CA VAL A 354 19.14 0.84 -2.02
C VAL A 354 19.84 -0.47 -1.75
N HIS A 355 19.61 -1.49 -2.58
CA HIS A 355 20.24 -2.81 -2.36
C HIS A 355 21.54 -3.02 -3.17
N ASN A 356 21.94 -2.01 -3.92
CA ASN A 356 23.17 -2.09 -4.68
C ASN A 356 23.39 -3.26 -5.63
N PHE A 357 22.33 -3.74 -6.28
CA PHE A 357 22.41 -4.88 -7.23
C PHE A 357 23.36 -4.66 -8.41
N GLY A 358 23.61 -3.40 -8.76
CA GLY A 358 24.44 -3.08 -9.90
C GLY A 358 23.59 -3.32 -11.15
N LEU A 359 22.31 -3.01 -11.01
CA LEU A 359 21.34 -3.22 -12.07
C LEU A 359 21.63 -2.39 -13.29
N ASN A 360 21.54 -3.02 -14.46
CA ASN A 360 21.76 -2.31 -15.71
C ASN A 360 20.38 -2.16 -16.33
N LEU A 361 19.67 -1.11 -15.93
CA LEU A 361 18.31 -0.87 -16.38
C LEU A 361 17.99 -1.04 -17.87
N PRO A 362 18.76 -0.39 -18.76
CA PRO A 362 18.42 -0.59 -20.17
C PRO A 362 18.60 -2.03 -20.67
N ALA A 363 19.50 -2.79 -20.03
CA ALA A 363 19.71 -4.20 -20.42
C ALA A 363 18.54 -5.07 -19.92
N THR A 364 18.02 -4.73 -18.75
CA THR A 364 16.92 -5.45 -18.15
C THR A 364 15.61 -5.24 -18.89
N ILE A 365 15.29 -3.99 -19.20
CA ILE A 365 14.06 -3.65 -19.93
C ILE A 365 14.03 -4.34 -21.27
N ALA A 366 15.16 -4.33 -21.97
CA ALA A 366 15.23 -4.97 -23.28
C ALA A 366 14.73 -6.39 -23.21
N THR A 367 14.92 -7.07 -22.07
CA THR A 367 14.44 -8.44 -21.94
C THR A 367 12.94 -8.58 -21.62
N PHE A 368 12.22 -7.46 -21.68
CA PHE A 368 10.77 -7.43 -21.44
C PHE A 368 9.98 -7.54 -22.75
N ARG A 369 10.71 -7.35 -23.83
CA ARG A 369 10.07 -7.31 -25.13
C ARG A 369 9.30 -8.49 -25.67
N ALA A 370 9.59 -9.69 -25.18
CA ALA A 370 8.89 -10.91 -25.61
C ALA A 370 8.76 -11.94 -24.46
N GLY A 371 7.99 -13.01 -24.70
CA GLY A 371 7.86 -14.04 -23.68
C GLY A 371 7.11 -13.67 -22.42
N CYS A 372 7.53 -12.61 -21.74
CA CYS A 372 6.83 -12.20 -20.52
C CYS A 372 5.43 -11.65 -20.79
N ILE A 373 4.59 -11.56 -19.75
CA ILE A 373 3.23 -11.04 -19.89
C ILE A 373 3.21 -9.53 -20.25
N LEU A 374 4.23 -8.79 -19.77
CA LEU A 374 4.36 -7.35 -20.03
C LEU A 374 4.79 -6.95 -21.44
N GLN A 375 5.14 -7.93 -22.26
CA GLN A 375 5.55 -7.66 -23.64
C GLN A 375 4.51 -6.87 -24.43
N GLY A 376 4.99 -6.10 -25.40
CA GLY A 376 4.11 -5.31 -26.20
C GLY A 376 4.93 -4.24 -26.90
N TYR A 377 4.29 -3.56 -27.83
CA TYR A 377 4.93 -2.52 -28.60
C TYR A 377 5.65 -1.47 -27.74
N LEU A 378 4.95 -0.89 -26.79
CA LEU A 378 5.56 0.14 -25.97
C LEU A 378 6.95 -0.17 -25.45
N LEU A 379 7.27 -1.44 -25.25
CA LEU A 379 8.58 -1.77 -24.71
C LEU A 379 9.73 -1.34 -25.59
N LYS A 380 9.46 -1.15 -26.88
CA LYS A 380 10.50 -0.73 -27.82
C LYS A 380 10.99 0.70 -27.51
N PRO A 381 10.08 1.68 -27.56
CA PRO A 381 10.56 3.03 -27.27
C PRO A 381 11.02 3.23 -25.82
N MET A 382 10.54 2.41 -24.90
CA MET A 382 10.93 2.56 -23.52
C MET A 382 12.34 2.07 -23.36
N THR A 383 12.69 1.04 -24.12
CA THR A 383 14.03 0.50 -24.01
C THR A 383 14.98 1.54 -24.56
N GLU A 384 14.61 2.13 -25.70
CA GLU A 384 15.42 3.16 -26.37
C GLU A 384 15.58 4.40 -25.49
N ALA A 385 14.51 4.83 -24.83
CA ALA A 385 14.56 5.99 -23.94
C ALA A 385 15.63 5.82 -22.85
N PHE A 386 15.66 4.64 -22.22
CA PHE A 386 16.61 4.32 -21.16
C PHE A 386 17.98 4.02 -21.70
N GLU A 387 18.06 3.82 -23.01
CA GLU A 387 19.34 3.57 -23.68
C GLU A 387 19.88 4.93 -24.01
N LYS A 388 19.03 5.78 -24.56
CA LYS A 388 19.41 7.13 -24.93
C LYS A 388 19.92 7.91 -23.72
N ASN A 389 19.11 8.03 -22.65
CA ASN A 389 19.64 8.71 -21.47
C ASN A 389 19.28 8.09 -20.13
N PRO A 390 20.01 7.03 -19.74
CA PRO A 390 19.98 6.18 -18.54
C PRO A 390 19.69 6.84 -17.19
N ASN A 391 19.88 8.15 -17.13
CA ASN A 391 19.67 8.91 -15.90
C ASN A 391 18.48 9.82 -16.05
N ILE A 392 17.50 9.40 -16.84
CA ILE A 392 16.36 10.26 -17.05
C ILE A 392 15.60 10.39 -15.75
N SER A 393 15.20 11.62 -15.42
CA SER A 393 14.44 11.90 -14.19
C SER A 393 13.35 10.87 -13.97
N ASN A 394 12.59 10.64 -15.02
CA ASN A 394 11.46 9.74 -14.97
C ASN A 394 11.08 9.35 -16.39
N LEU A 395 10.55 8.15 -16.54
CA LEU A 395 10.14 7.59 -17.85
C LEU A 395 9.10 8.40 -18.60
N MET A 396 8.26 9.11 -17.87
CA MET A 396 7.21 9.89 -18.52
C MET A 396 7.80 11.02 -19.32
N CYS A 397 8.97 11.52 -18.94
CA CYS A 397 9.55 12.62 -19.72
C CYS A 397 9.69 12.22 -21.20
N ALA A 398 10.14 11.01 -21.43
CA ALA A 398 10.32 10.52 -22.78
C ALA A 398 9.04 10.58 -23.62
N PHE A 399 7.90 10.63 -22.96
CA PHE A 399 6.62 10.65 -23.66
C PHE A 399 5.89 11.97 -23.45
N GLN A 400 6.65 13.04 -23.26
CA GLN A 400 6.02 14.33 -23.02
C GLN A 400 5.03 14.72 -24.12
N THR A 401 5.35 14.37 -25.36
CA THR A 401 4.51 14.67 -26.50
C THR A 401 3.15 13.98 -26.50
N GLU A 402 3.20 12.67 -26.34
CA GLU A 402 2.02 11.82 -26.33
C GLU A 402 1.14 12.29 -25.19
N ILE A 403 1.77 12.48 -24.05
CA ILE A 403 1.03 12.88 -22.90
C ILE A 403 0.33 14.21 -23.02
N ARG A 404 1.00 15.21 -23.59
CA ARG A 404 0.35 16.53 -23.72
C ARG A 404 -0.87 16.36 -24.59
N ALA A 405 -0.69 15.65 -25.70
CA ALA A 405 -1.77 15.44 -26.64
C ALA A 405 -3.05 14.86 -26.05
N GLY A 406 -2.94 13.87 -25.17
CA GLY A 406 -4.15 13.31 -24.62
C GLY A 406 -4.51 13.61 -23.18
N LEU A 407 -3.68 14.36 -22.46
CA LEU A 407 -3.97 14.63 -21.06
C LEU A 407 -5.33 15.22 -20.77
N GLN A 408 -5.77 16.20 -21.55
CA GLN A 408 -7.09 16.80 -21.29
C GLN A 408 -8.18 15.76 -21.49
N ASN A 409 -8.05 14.96 -22.55
CA ASN A 409 -9.01 13.91 -22.85
C ASN A 409 -9.03 12.97 -21.66
N TYR A 410 -7.85 12.66 -21.12
CA TYR A 410 -7.77 11.78 -19.97
C TYR A 410 -8.55 12.44 -18.85
N ARG A 411 -8.34 13.72 -18.65
CA ARG A 411 -9.06 14.41 -17.60
C ARG A 411 -10.56 14.45 -17.79
N ASP A 412 -11.00 14.70 -19.02
CA ASP A 412 -12.42 14.74 -19.31
C ASP A 412 -13.13 13.40 -19.19
N MET A 413 -12.45 12.37 -19.65
CA MET A 413 -13.04 11.04 -19.60
C MET A 413 -13.27 10.63 -18.15
N VAL A 414 -12.27 10.76 -17.29
CA VAL A 414 -12.55 10.34 -15.92
C VAL A 414 -13.55 11.27 -15.23
N ALA A 415 -13.61 12.54 -15.64
CA ALA A 415 -14.55 13.51 -15.08
C ALA A 415 -15.95 12.99 -15.43
N LEU A 416 -16.15 12.60 -16.68
CA LEU A 416 -17.43 12.08 -17.13
C LEU A 416 -17.79 10.76 -16.49
N ILE A 417 -16.83 9.84 -16.39
CA ILE A 417 -17.09 8.54 -15.78
C ILE A 417 -17.48 8.70 -14.30
N THR A 418 -16.83 9.65 -13.65
CA THR A 418 -17.09 9.90 -12.24
C THR A 418 -18.47 10.44 -11.95
N SER A 419 -18.87 11.47 -12.67
CA SER A 419 -20.20 12.07 -12.45
C SER A 419 -21.39 11.31 -13.03
N LYS A 420 -21.17 10.62 -14.14
CA LYS A 420 -22.25 9.95 -14.79
C LYS A 420 -22.35 8.45 -14.64
N LEU A 421 -21.25 7.75 -14.44
CA LEU A 421 -21.38 6.29 -14.35
C LEU A 421 -21.31 5.66 -12.98
N GLU A 422 -21.91 4.48 -12.89
CA GLU A 422 -21.97 3.72 -11.67
C GLU A 422 -20.86 2.70 -11.64
N VAL A 423 -19.64 3.13 -11.90
CA VAL A 423 -18.51 2.20 -11.90
C VAL A 423 -17.31 2.77 -11.13
N SER A 424 -16.60 1.86 -10.46
CA SER A 424 -15.42 2.22 -9.70
C SER A 424 -14.24 2.10 -10.62
N ILE A 425 -13.40 3.15 -10.66
CA ILE A 425 -12.22 3.12 -11.51
C ILE A 425 -10.95 3.42 -10.66
N PRO A 426 -10.59 2.47 -9.77
CA PRO A 426 -9.43 2.61 -8.89
C PRO A 426 -8.15 2.98 -9.58
N VAL A 427 -7.73 2.12 -10.49
CA VAL A 427 -6.50 2.30 -11.20
C VAL A 427 -6.46 3.43 -12.24
N LEU A 428 -7.50 3.56 -13.04
CA LEU A 428 -7.49 4.64 -14.03
C LEU A 428 -7.37 5.98 -13.33
N SER A 429 -8.00 6.04 -12.16
CA SER A 429 -8.03 7.22 -11.34
C SER A 429 -6.66 7.50 -10.68
N ALA A 430 -6.10 6.52 -9.96
CA ALA A 430 -4.80 6.67 -9.31
C ALA A 430 -3.71 7.07 -10.31
N SER A 431 -3.76 6.50 -11.50
CA SER A 431 -2.79 6.80 -12.53
C SER A 431 -2.79 8.26 -12.94
N LEU A 432 -3.96 8.86 -13.08
CA LEU A 432 -4.00 10.27 -13.47
C LEU A 432 -3.34 11.10 -12.39
N ASN A 433 -3.57 10.72 -11.14
CA ASN A 433 -2.97 11.47 -10.04
C ASN A 433 -1.48 11.34 -10.08
N TYR A 434 -1.00 10.17 -10.46
CA TYR A 434 0.43 10.00 -10.54
C TYR A 434 1.01 11.00 -11.56
N VAL A 435 0.42 11.05 -12.74
CA VAL A 435 0.87 11.96 -13.76
C VAL A 435 0.82 13.41 -13.27
N THR A 436 -0.35 13.88 -12.85
CA THR A 436 -0.44 15.28 -12.40
C THR A 436 0.52 15.59 -11.26
N ALA A 437 0.52 14.75 -10.23
CA ALA A 437 1.39 15.03 -9.09
C ALA A 437 2.87 15.06 -9.42
N MET A 438 3.35 14.10 -10.21
CA MET A 438 4.77 14.01 -10.56
C MET A 438 5.36 15.11 -11.43
N PHE A 439 4.50 15.85 -12.13
CA PHE A 439 4.95 16.95 -12.97
C PHE A 439 4.70 18.32 -12.30
N THR A 440 4.34 18.29 -11.01
CA THR A 440 4.02 19.49 -10.23
C THR A 440 5.18 19.87 -9.27
N PRO A 441 5.83 21.03 -9.51
CA PRO A 441 6.95 21.49 -8.67
C PRO A 441 6.57 21.73 -7.24
N THR A 442 5.47 22.45 -7.04
CA THR A 442 5.00 22.74 -5.70
C THR A 442 3.63 22.15 -5.47
N LEU A 443 3.53 21.26 -4.49
CA LEU A 443 2.26 20.66 -4.10
C LEU A 443 1.86 21.46 -2.86
N LYS A 444 0.85 22.30 -3.03
CA LYS A 444 0.36 23.15 -1.95
C LYS A 444 -0.09 22.39 -0.71
N TYR A 445 -0.76 21.26 -0.90
CA TYR A 445 -1.24 20.48 0.25
C TYR A 445 -0.12 20.05 1.17
N GLY A 446 1.08 19.99 0.60
CA GLY A 446 2.26 19.61 1.36
C GLY A 446 2.68 20.75 2.28
N GLN A 447 2.30 21.98 1.92
CA GLN A 447 2.61 23.14 2.74
C GLN A 447 1.68 23.08 3.98
N LEU A 448 0.41 22.80 3.77
CA LEU A 448 -0.53 22.74 4.87
C LEU A 448 -0.25 21.58 5.82
N VAL A 449 -0.22 20.36 5.29
CA VAL A 449 -0.01 19.19 6.13
C VAL A 449 1.29 19.30 6.91
N SER A 450 2.32 19.85 6.26
CA SER A 450 3.63 20.05 6.86
C SER A 450 3.49 20.91 8.13
N LEU A 451 2.75 22.03 8.03
CA LEU A 451 2.50 22.88 9.18
C LEU A 451 1.68 22.14 10.23
N GLN A 452 0.58 21.52 9.81
CA GLN A 452 -0.27 20.81 10.74
C GLN A 452 0.53 19.92 11.67
N ARG A 453 1.46 19.16 11.11
CA ARG A 453 2.24 18.24 11.92
C ARG A 453 2.98 18.95 13.01
N ASP A 454 3.34 20.20 12.75
CA ASP A 454 4.04 21.00 13.73
C ASP A 454 3.07 21.41 14.84
N VAL A 455 1.85 21.79 14.50
CA VAL A 455 0.86 22.21 15.52
C VAL A 455 0.71 21.26 16.71
N PHE A 456 0.48 19.97 16.45
CA PHE A 456 0.30 19.01 17.55
C PHE A 456 1.54 18.23 17.94
N GLY A 457 2.36 17.89 16.97
CA GLY A 457 3.53 17.11 17.28
C GLY A 457 4.81 17.90 17.43
N ARG A 458 4.76 19.19 17.10
CA ARG A 458 5.92 20.06 17.22
C ARG A 458 7.14 19.46 16.43
N HIS A 459 6.84 18.79 15.32
CA HIS A 459 7.85 18.17 14.44
C HIS A 459 8.70 19.16 13.64
N GLY A 460 8.24 20.41 13.54
CA GLY A 460 8.96 21.40 12.77
C GLY A 460 8.72 21.17 11.27
N TYR A 461 9.18 22.10 10.45
CA TYR A 461 9.02 22.02 9.00
C TYR A 461 10.19 22.70 8.26
N GLU A 462 10.50 22.19 7.08
CA GLU A 462 11.56 22.80 6.32
C GLU A 462 10.95 24.03 5.69
N ARG A 463 11.83 24.99 5.38
CA ARG A 463 11.46 26.26 4.78
C ARG A 463 12.15 26.31 3.46
N VAL A 464 11.57 27.04 2.53
CA VAL A 464 12.14 27.17 1.21
C VAL A 464 13.18 28.28 1.14
N ASP A 465 13.16 29.17 2.14
CA ASP A 465 14.08 30.30 2.15
C ASP A 465 15.23 30.25 3.14
N LYS A 466 15.10 29.50 4.23
CA LYS A 466 16.21 29.41 5.19
C LYS A 466 16.93 28.10 4.94
N ASP A 467 17.14 27.34 6.01
CA ASP A 467 17.80 26.05 5.94
C ASP A 467 17.49 25.50 7.31
N GLY A 468 17.52 24.18 7.45
CA GLY A 468 17.20 23.61 8.75
C GLY A 468 15.70 23.68 9.00
N ARG A 469 15.27 23.19 10.15
CA ARG A 469 13.85 23.19 10.47
C ARG A 469 13.44 24.39 11.32
N GLU A 470 12.17 24.76 11.19
CA GLU A 470 11.62 25.87 11.95
C GLU A 470 10.37 25.39 12.64
N SER A 471 10.09 25.89 13.83
CA SER A 471 8.90 25.48 14.54
C SER A 471 8.13 26.72 15.02
N PHE A 472 6.87 26.80 14.60
CA PHE A 472 6.02 27.91 14.93
C PHE A 472 5.41 27.84 16.31
N GLN A 473 5.20 29.00 16.92
CA GLN A 473 4.59 29.12 18.25
C GLN A 473 3.11 29.23 18.03
N TRP A 474 2.38 28.16 18.32
CA TRP A 474 0.92 28.08 18.12
C TRP A 474 0.02 28.30 19.34
N PRO A 475 -1.12 28.97 19.13
CA PRO A 475 -2.04 29.20 20.26
C PRO A 475 -2.69 27.89 20.70
N GLU A 476 -3.09 27.81 21.98
CA GLU A 476 -3.76 26.60 22.48
C GLU A 476 -5.07 26.39 21.78
N LEU A 477 -5.37 25.14 21.46
CA LEU A 477 -6.59 24.77 20.75
C LEU A 477 -7.57 23.89 21.53
N GLN A 478 -7.29 23.69 22.81
CA GLN A 478 -8.17 22.91 23.68
C GLN A 478 -8.27 23.67 25.01
N SER B 1 7.49 6.41 49.59
CA SER B 1 7.64 5.69 48.29
C SER B 1 7.05 6.55 47.18
N MET B 2 7.22 6.11 45.94
CA MET B 2 6.73 6.84 44.77
C MET B 2 5.59 6.07 44.11
N ASP B 3 4.62 6.82 43.63
CA ASP B 3 3.46 6.24 43.02
C ASP B 3 3.70 5.55 41.69
N VAL B 4 4.51 6.18 40.85
CA VAL B 4 4.75 5.61 39.52
C VAL B 4 5.98 6.32 38.90
N GLY B 5 6.67 5.64 37.99
CA GLY B 5 7.84 6.24 37.37
C GLY B 5 7.65 6.55 35.91
N VAL B 6 8.45 7.46 35.40
CA VAL B 6 8.41 7.89 34.00
C VAL B 6 9.83 7.92 33.51
N VAL B 7 10.09 7.36 32.33
CA VAL B 7 11.44 7.32 31.79
C VAL B 7 11.46 7.98 30.44
N GLY B 8 12.20 9.08 30.32
CA GLY B 8 12.27 9.78 29.05
C GLY B 8 11.41 11.01 29.10
N LEU B 9 12.00 12.16 28.82
CA LEU B 9 11.24 13.40 28.90
C LEU B 9 11.11 14.14 27.57
N GLY B 10 10.54 13.46 26.58
CA GLY B 10 10.37 14.11 25.29
C GLY B 10 9.26 15.14 25.41
N VAL B 11 8.62 15.44 24.28
CA VAL B 11 7.51 16.40 24.25
C VAL B 11 6.42 15.75 25.12
N MET B 12 6.25 14.45 24.94
CA MET B 12 5.25 13.66 25.65
C MET B 12 5.60 13.34 27.10
N GLY B 13 6.85 12.96 27.33
CA GLY B 13 7.25 12.55 28.65
C GLY B 13 7.01 13.54 29.75
N ALA B 14 7.62 14.71 29.55
CA ALA B 14 7.54 15.80 30.50
C ALA B 14 6.10 16.17 30.81
N ASN B 15 5.35 16.48 29.77
CA ASN B 15 3.95 16.87 29.95
C ASN B 15 3.08 15.87 30.71
N LEU B 16 3.25 14.60 30.38
CA LEU B 16 2.48 13.55 31.02
C LEU B 16 2.86 13.46 32.49
N ALA B 17 4.14 13.75 32.76
CA ALA B 17 4.67 13.71 34.12
C ALA B 17 3.88 14.71 34.92
N LEU B 18 3.90 15.94 34.43
CA LEU B 18 3.20 17.03 35.08
C LEU B 18 1.74 16.71 35.15
N ASN B 19 1.23 16.09 34.08
CA ASN B 19 -0.17 15.72 34.05
C ASN B 19 -0.44 14.87 35.25
N ILE B 20 0.38 13.84 35.43
CA ILE B 20 0.15 12.92 36.53
C ILE B 20 0.35 13.45 37.94
N ALA B 21 1.46 14.16 38.16
CA ALA B 21 1.74 14.65 39.50
C ALA B 21 0.69 15.67 39.92
N GLU B 22 0.16 16.41 38.95
CA GLU B 22 -0.88 17.41 39.21
C GLU B 22 -2.15 16.75 39.78
N LYS B 23 -2.40 15.52 39.34
CA LYS B 23 -3.55 14.76 39.75
C LYS B 23 -3.40 14.12 41.14
N GLY B 24 -2.32 14.38 41.84
CA GLY B 24 -2.19 13.79 43.16
C GLY B 24 -1.27 12.59 43.34
N PHE B 25 -0.50 12.21 42.32
CA PHE B 25 0.43 11.07 42.43
C PHE B 25 1.90 11.53 42.46
N LYS B 26 2.71 10.83 43.24
CA LYS B 26 4.14 11.09 43.32
C LYS B 26 4.73 10.35 42.11
N VAL B 27 5.55 11.06 41.35
CA VAL B 27 6.15 10.62 40.10
C VAL B 27 7.67 10.67 40.05
N ALA B 28 8.30 9.49 39.99
CA ALA B 28 9.76 9.36 39.90
C ALA B 28 10.12 9.61 38.43
N VAL B 29 11.18 10.37 38.18
CA VAL B 29 11.61 10.70 36.83
C VAL B 29 13.03 10.21 36.50
N PHE B 30 13.29 9.79 35.26
CA PHE B 30 14.61 9.36 34.87
C PHE B 30 14.83 9.77 33.45
N ASN B 31 16.11 9.74 33.05
CA ASN B 31 16.54 10.08 31.71
C ASN B 31 18.01 9.75 31.56
N ARG B 32 18.44 9.61 30.30
CA ARG B 32 19.83 9.35 29.89
C ARG B 32 20.76 10.48 30.44
N THR B 33 20.71 11.65 29.79
CA THR B 33 21.48 12.81 30.20
C THR B 33 20.78 13.36 31.44
N TYR B 34 21.36 13.15 32.60
CA TYR B 34 20.75 13.68 33.81
C TYR B 34 20.54 15.21 33.67
N SER B 35 21.23 15.83 32.71
CA SER B 35 21.09 17.27 32.49
C SER B 35 19.63 17.61 32.24
N LYS B 36 19.04 16.85 31.32
CA LYS B 36 17.64 17.02 30.91
C LYS B 36 16.63 16.97 32.05
N SER B 37 16.85 16.07 33.03
CA SER B 37 15.99 15.98 34.20
C SER B 37 16.20 17.28 35.02
N GLU B 38 17.44 17.73 35.11
CA GLU B 38 17.78 18.95 35.83
C GLU B 38 16.96 20.10 35.26
N GLU B 39 17.01 20.23 33.93
CA GLU B 39 16.28 21.25 33.18
C GLU B 39 14.77 21.12 33.37
N PHE B 40 14.30 19.90 33.59
CA PHE B 40 12.89 19.61 33.82
C PHE B 40 12.51 20.16 35.19
N MET B 41 13.01 19.54 36.25
CA MET B 41 12.74 19.99 37.61
C MET B 41 13.07 21.51 37.71
N LYS B 42 14.02 21.96 36.89
CA LYS B 42 14.42 23.34 36.82
C LYS B 42 13.18 24.21 36.52
N ALA B 43 12.76 24.22 35.26
CA ALA B 43 11.63 25.00 34.80
C ALA B 43 10.32 24.78 35.56
N ASN B 44 10.13 23.60 36.13
CA ASN B 44 8.90 23.31 36.86
C ASN B 44 8.98 23.26 38.37
N ALA B 45 10.02 23.86 38.94
CA ALA B 45 10.21 23.83 40.40
C ALA B 45 9.21 24.65 41.24
N SER B 46 8.52 25.62 40.62
CA SER B 46 7.54 26.44 41.34
C SER B 46 6.11 25.85 41.34
N ALA B 47 5.83 24.96 40.38
CA ALA B 47 4.52 24.32 40.23
C ALA B 47 3.98 23.80 41.56
N PRO B 48 2.73 24.10 41.88
CA PRO B 48 2.08 23.66 43.13
C PRO B 48 2.06 22.15 43.41
N PHE B 49 2.69 21.36 42.55
CA PHE B 49 2.71 19.90 42.75
C PHE B 49 4.10 19.33 42.59
N ALA B 50 5.08 20.23 42.53
CA ALA B 50 6.48 19.85 42.38
C ALA B 50 6.87 18.83 43.42
N GLY B 51 6.24 18.88 44.58
CA GLY B 51 6.58 17.93 45.61
C GLY B 51 6.15 16.53 45.29
N ASN B 52 5.55 16.36 44.13
CA ASN B 52 5.05 15.04 43.73
C ASN B 52 5.91 14.58 42.55
N LEU B 53 7.03 15.27 42.35
CA LEU B 53 7.98 15.00 41.30
C LEU B 53 9.38 14.83 41.88
N LYS B 54 10.12 13.82 41.43
CA LYS B 54 11.50 13.61 41.91
C LYS B 54 12.44 13.05 40.83
N ALA B 55 13.41 13.87 40.39
CA ALA B 55 14.37 13.45 39.37
C ALA B 55 15.38 12.50 39.98
N PHE B 56 15.74 11.46 39.22
CA PHE B 56 16.68 10.47 39.73
C PHE B 56 18.02 10.25 39.03
N GLU B 57 18.91 9.76 39.90
CA GLU B 57 20.29 9.37 39.67
C GLU B 57 20.48 8.26 38.61
N THR B 58 20.14 7.06 39.04
CA THR B 58 20.31 5.84 38.28
C THR B 58 19.03 5.00 38.36
N MET B 59 18.98 3.93 37.59
CA MET B 59 17.80 3.08 37.64
C MET B 59 17.77 2.40 39.00
N GLU B 60 18.94 2.29 39.64
CA GLU B 60 19.03 1.65 40.96
C GLU B 60 18.13 2.46 41.86
N ALA B 61 18.30 3.78 41.80
CA ALA B 61 17.54 4.72 42.61
C ALA B 61 16.06 4.75 42.16
N PHE B 62 15.87 5.07 40.90
CA PHE B 62 14.54 5.14 40.33
C PHE B 62 13.71 3.93 40.74
N ALA B 63 14.26 2.74 40.54
CA ALA B 63 13.54 1.51 40.84
C ALA B 63 13.40 1.31 42.32
N ALA B 64 14.25 2.04 43.05
CA ALA B 64 14.26 1.98 44.50
C ALA B 64 13.04 2.70 45.09
N SER B 65 12.84 3.95 44.66
CA SER B 65 11.73 4.74 45.16
C SER B 65 10.31 4.24 44.92
N LEU B 66 10.07 3.49 43.85
CA LEU B 66 8.69 3.05 43.51
C LEU B 66 7.92 2.03 44.37
N LYS B 67 6.66 2.33 44.64
CA LYS B 67 5.80 1.44 45.39
C LYS B 67 5.68 0.13 44.59
N LYS B 68 5.91 -0.99 45.25
CA LYS B 68 5.86 -2.26 44.56
C LYS B 68 4.42 -2.75 44.41
N PRO B 69 4.07 -3.31 43.24
CA PRO B 69 4.89 -3.55 42.05
C PRO B 69 5.30 -2.31 41.27
N ARG B 70 6.58 -2.19 40.94
CA ARG B 70 7.05 -1.04 40.18
C ARG B 70 6.29 -0.92 38.86
N LYS B 71 5.84 0.29 38.58
CA LYS B 71 5.13 0.56 37.34
C LYS B 71 5.94 1.65 36.63
N ALA B 72 6.45 1.34 35.45
CA ALA B 72 7.20 2.31 34.72
C ALA B 72 6.56 2.56 33.34
N LEU B 73 6.54 3.81 32.94
CA LEU B 73 6.01 4.17 31.63
C LEU B 73 7.21 4.62 30.81
N ILE B 74 7.64 3.83 29.85
CA ILE B 74 8.79 4.20 29.05
C ILE B 74 8.27 5.20 28.02
N LEU B 75 8.90 6.37 27.94
CA LEU B 75 8.48 7.39 27.01
C LEU B 75 9.54 7.81 25.99
N VAL B 76 10.48 6.93 25.70
CA VAL B 76 11.55 7.24 24.73
C VAL B 76 11.18 6.93 23.26
N GLN B 77 12.10 7.31 22.36
CA GLN B 77 11.97 7.13 20.91
C GLN B 77 11.90 5.64 20.54
N ALA B 78 10.93 5.29 19.70
CA ALA B 78 10.75 3.91 19.27
C ALA B 78 12.00 3.29 18.66
N GLY B 79 12.07 1.96 18.74
CA GLY B 79 13.22 1.27 18.18
C GLY B 79 14.24 0.83 19.20
N ALA B 80 15.49 0.81 18.75
CA ALA B 80 16.59 0.37 19.58
C ALA B 80 16.66 1.12 20.89
N ALA B 81 16.17 2.35 20.90
CA ALA B 81 16.21 3.15 22.13
C ALA B 81 15.36 2.49 23.20
N THR B 82 14.18 2.03 22.80
CA THR B 82 13.25 1.37 23.70
C THR B 82 13.89 0.07 24.12
N ASP B 83 14.33 -0.72 23.13
CA ASP B 83 14.92 -2.02 23.44
C ASP B 83 15.90 -1.93 24.56
N SER B 84 16.85 -1.01 24.46
CA SER B 84 17.86 -0.81 25.48
C SER B 84 17.21 -0.57 26.85
N THR B 85 16.45 0.51 26.93
CA THR B 85 15.77 0.91 28.17
C THR B 85 15.06 -0.23 28.92
N ILE B 86 14.34 -1.07 28.18
CA ILE B 86 13.64 -2.22 28.76
C ILE B 86 14.67 -3.18 29.39
N GLU B 87 15.84 -3.27 28.79
CA GLU B 87 16.90 -4.14 29.29
C GLU B 87 17.50 -3.63 30.58
N GLN B 88 17.72 -2.32 30.64
CA GLN B 88 18.26 -1.72 31.84
C GLN B 88 17.29 -2.00 33.00
N LEU B 89 16.03 -1.68 32.78
CA LEU B 89 14.97 -1.87 33.75
C LEU B 89 14.94 -3.29 34.23
N LYS B 90 14.95 -4.20 33.28
CA LYS B 90 14.88 -5.64 33.53
C LYS B 90 15.81 -6.09 34.66
N LYS B 91 17.00 -5.48 34.72
CA LYS B 91 17.99 -5.80 35.75
C LYS B 91 17.52 -5.31 37.11
N VAL B 92 17.21 -4.02 37.14
CA VAL B 92 16.80 -3.33 38.36
C VAL B 92 15.41 -3.59 38.90
N PHE B 93 14.61 -4.45 38.26
CA PHE B 93 13.22 -4.77 38.71
C PHE B 93 13.12 -6.20 39.26
N GLU B 94 11.91 -6.63 39.63
CA GLU B 94 11.68 -7.97 40.20
C GLU B 94 10.38 -8.59 39.77
N LYS B 95 10.23 -9.88 40.08
CA LYS B 95 9.05 -10.68 39.72
C LYS B 95 7.75 -9.94 40.02
N GLY B 96 6.91 -9.82 39.00
CA GLY B 96 5.65 -9.13 39.16
C GLY B 96 5.58 -7.67 38.72
N ASP B 97 6.70 -6.96 38.66
CA ASP B 97 6.68 -5.57 38.25
C ASP B 97 6.09 -5.33 36.86
N ILE B 98 5.89 -4.07 36.53
CA ILE B 98 5.25 -3.74 35.28
C ILE B 98 6.01 -2.74 34.42
N LEU B 99 6.14 -3.07 33.13
CA LEU B 99 6.79 -2.18 32.15
C LEU B 99 5.68 -1.82 31.20
N VAL B 100 5.43 -0.53 31.07
CA VAL B 100 4.42 -0.04 30.20
C VAL B 100 5.09 0.75 29.10
N ASP B 101 5.22 0.13 27.95
CA ASP B 101 5.81 0.82 26.82
C ASP B 101 4.75 1.72 26.21
N THR B 102 5.08 2.98 25.97
CA THR B 102 4.09 3.85 25.39
C THR B 102 4.60 4.56 24.16
N GLY B 103 5.75 4.13 23.62
CA GLY B 103 6.31 4.84 22.49
C GLY B 103 6.28 4.30 21.07
N ASN B 104 5.10 4.29 20.45
CA ASN B 104 4.90 3.89 19.02
C ASN B 104 5.60 2.72 18.32
N ALA B 105 5.47 1.52 18.90
CA ALA B 105 6.11 0.35 18.31
C ALA B 105 5.12 -0.37 17.39
N HIS B 106 5.63 -1.09 16.42
CA HIS B 106 4.80 -1.87 15.47
C HIS B 106 4.20 -2.95 16.35
N PHE B 107 2.87 -3.00 16.42
CA PHE B 107 2.15 -3.97 17.25
C PHE B 107 2.67 -5.42 17.36
N LYS B 108 3.46 -5.83 16.37
CA LYS B 108 4.03 -7.17 16.37
C LYS B 108 5.19 -7.29 17.33
N ASP B 109 5.94 -6.20 17.52
CA ASP B 109 7.07 -6.13 18.45
C ASP B 109 6.57 -6.21 19.90
N GLN B 110 5.46 -5.55 20.19
CA GLN B 110 4.88 -5.55 21.54
C GLN B 110 4.51 -6.96 21.90
N GLY B 111 3.78 -7.65 21.02
CA GLY B 111 3.39 -9.03 21.27
C GLY B 111 4.57 -9.94 21.60
N ARG B 112 5.70 -9.68 20.95
CA ARG B 112 6.93 -10.43 21.18
C ARG B 112 7.45 -10.06 22.56
N ARG B 113 7.68 -8.76 22.80
CA ARG B 113 8.17 -8.22 24.09
C ARG B 113 7.37 -8.79 25.26
N ALA B 114 6.05 -8.78 25.10
CA ALA B 114 5.11 -9.28 26.10
C ALA B 114 5.55 -10.67 26.53
N GLN B 115 5.72 -11.55 25.55
CA GLN B 115 6.15 -12.91 25.80
C GLN B 115 7.54 -12.97 26.44
N GLN B 116 8.52 -12.33 25.82
CA GLN B 116 9.89 -12.30 26.37
C GLN B 116 9.76 -12.08 27.85
N LEU B 117 9.23 -10.89 28.17
CA LEU B 117 9.03 -10.44 29.55
C LEU B 117 8.16 -11.36 30.40
N GLU B 118 7.07 -11.89 29.83
CA GLU B 118 6.19 -12.80 30.57
C GLU B 118 6.88 -14.12 30.96
N ALA B 119 7.85 -14.51 30.15
CA ALA B 119 8.61 -15.72 30.43
C ALA B 119 9.74 -15.38 31.42
N ALA B 120 9.94 -14.09 31.68
CA ALA B 120 10.98 -13.64 32.59
C ALA B 120 10.40 -13.16 33.91
N GLY B 121 9.09 -13.38 34.09
CA GLY B 121 8.39 -12.97 35.31
C GLY B 121 8.01 -11.50 35.54
N LEU B 122 7.90 -10.73 34.48
CA LEU B 122 7.53 -9.32 34.59
C LEU B 122 6.27 -9.16 33.77
N ARG B 123 5.53 -8.09 34.01
CA ARG B 123 4.32 -7.85 33.24
C ARG B 123 4.60 -6.69 32.28
N PHE B 124 3.93 -6.70 31.14
CA PHE B 124 4.13 -5.71 30.12
C PHE B 124 2.81 -5.17 29.62
N LEU B 125 2.86 -3.95 29.11
CA LEU B 125 1.67 -3.33 28.57
C LEU B 125 2.11 -2.42 27.44
N GLY B 126 1.55 -2.64 26.26
CA GLY B 126 1.86 -1.79 25.12
C GLY B 126 0.74 -0.79 25.22
N MET B 127 1.07 0.50 25.32
CA MET B 127 0.01 1.48 25.49
C MET B 127 0.18 2.73 24.67
N GLY B 128 -0.57 2.83 23.59
CA GLY B 128 -0.45 4.02 22.78
C GLY B 128 -1.04 5.22 23.52
N ILE B 129 -0.61 6.40 23.10
CA ILE B 129 -1.10 7.64 23.67
C ILE B 129 -1.20 8.66 22.54
N SER B 130 -2.25 9.48 22.51
CA SER B 130 -2.39 10.47 21.42
C SER B 130 -2.94 11.78 21.97
N GLY B 131 -2.64 12.88 21.28
CA GLY B 131 -3.12 14.18 21.74
C GLY B 131 -2.11 15.30 21.53
N GLY B 132 -0.86 14.90 21.26
CA GLY B 132 0.20 15.86 21.04
C GLY B 132 0.65 16.46 22.36
N GLU B 133 1.54 17.43 22.27
CA GLU B 133 2.07 18.12 23.45
C GLU B 133 0.99 18.61 24.40
N GLU B 134 0.10 19.44 23.86
CA GLU B 134 -1.00 19.98 24.66
C GLU B 134 -1.84 18.83 25.26
N GLY B 135 -2.26 17.89 24.41
CA GLY B 135 -3.07 16.77 24.89
C GLY B 135 -2.37 15.96 25.97
N ALA B 136 -1.05 15.82 25.86
CA ALA B 136 -0.29 15.06 26.85
C ALA B 136 -0.47 15.65 28.28
N ARG B 137 -0.48 17.00 28.35
CA ARG B 137 -0.66 17.75 29.58
C ARG B 137 -2.12 17.83 30.07
N LYS B 138 -3.04 18.28 29.21
CA LYS B 138 -4.46 18.42 29.57
C LYS B 138 -5.25 17.13 29.64
N GLY B 139 -4.67 16.07 29.14
CA GLY B 139 -5.36 14.81 29.18
C GLY B 139 -5.64 14.31 27.80
N PRO B 140 -4.92 13.25 27.39
CA PRO B 140 -5.06 12.62 26.08
C PRO B 140 -5.87 11.32 26.21
N ALA B 141 -5.84 10.51 25.13
CA ALA B 141 -6.52 9.22 25.06
C ALA B 141 -5.38 8.22 25.14
N PHE B 142 -5.66 7.06 25.74
CA PHE B 142 -4.65 6.00 25.87
C PHE B 142 -5.25 4.76 25.26
N PHE B 143 -4.41 3.96 24.61
CA PHE B 143 -4.84 2.70 23.97
C PHE B 143 -3.93 1.58 24.52
N PRO B 144 -4.31 0.99 25.65
CA PRO B 144 -3.53 -0.07 26.28
C PRO B 144 -3.93 -1.48 25.86
N GLY B 145 -3.02 -2.41 26.06
CA GLY B 145 -3.26 -3.80 25.73
C GLY B 145 -2.16 -4.72 26.22
N GLY B 146 -2.57 -5.92 26.56
CA GLY B 146 -1.66 -6.93 27.08
C GLY B 146 -2.41 -7.58 28.23
N THR B 147 -1.65 -8.08 29.18
CA THR B 147 -2.18 -8.76 30.36
C THR B 147 -3.27 -7.96 31.12
N LEU B 148 -4.45 -8.55 31.38
CA LEU B 148 -5.54 -7.83 32.10
C LEU B 148 -5.08 -7.53 33.51
N SER B 149 -4.29 -8.46 34.03
CA SER B 149 -3.71 -8.37 35.36
C SER B 149 -3.10 -6.97 35.58
N VAL B 150 -2.26 -6.51 34.65
CA VAL B 150 -1.60 -5.22 34.78
C VAL B 150 -2.61 -4.08 34.74
N TRP B 151 -3.50 -4.13 33.78
CA TRP B 151 -4.52 -3.11 33.63
C TRP B 151 -5.16 -2.64 34.93
N GLU B 152 -5.84 -3.54 35.62
CA GLU B 152 -6.50 -3.15 36.86
C GLU B 152 -5.52 -2.56 37.88
N GLU B 153 -4.23 -2.79 37.71
CA GLU B 153 -3.21 -2.25 38.62
C GLU B 153 -2.86 -0.82 38.22
N ILE B 154 -3.09 -0.50 36.95
CA ILE B 154 -2.74 0.79 36.40
C ILE B 154 -3.95 1.69 36.10
N ARG B 155 -5.12 1.08 36.02
CA ARG B 155 -6.35 1.78 35.73
C ARG B 155 -6.52 3.15 36.41
N PRO B 156 -6.14 3.28 37.69
CA PRO B 156 -6.27 4.58 38.39
C PRO B 156 -5.49 5.78 37.79
N ILE B 157 -4.19 5.58 37.60
CA ILE B 157 -3.34 6.61 37.07
C ILE B 157 -3.74 7.00 35.66
N VAL B 158 -4.04 6.01 34.81
CA VAL B 158 -4.40 6.36 33.45
C VAL B 158 -5.76 6.99 33.31
N GLU B 159 -6.70 6.59 34.17
CA GLU B 159 -8.04 7.14 34.11
C GLU B 159 -8.00 8.59 34.57
N ALA B 160 -7.39 8.78 35.73
CA ALA B 160 -7.31 10.08 36.28
C ALA B 160 -6.58 11.06 35.30
N ALA B 161 -5.62 10.58 34.51
CA ALA B 161 -4.91 11.48 33.62
C ALA B 161 -5.52 11.67 32.25
N ALA B 162 -6.26 10.68 31.76
CA ALA B 162 -6.86 10.76 30.43
C ALA B 162 -7.97 11.76 30.34
N ALA B 163 -8.21 12.22 29.13
CA ALA B 163 -9.29 13.16 28.84
C ALA B 163 -10.65 12.50 29.07
N LYS B 164 -11.63 13.28 29.52
CA LYS B 164 -12.95 12.72 29.75
C LYS B 164 -13.85 13.24 28.64
N ALA B 165 -14.59 12.33 28.03
CA ALA B 165 -15.54 12.67 26.97
C ALA B 165 -16.86 13.05 27.63
N ASP B 166 -17.75 13.69 26.87
CA ASP B 166 -19.08 14.14 27.36
C ASP B 166 -19.77 13.39 28.48
N ASP B 167 -20.02 12.11 28.28
CA ASP B 167 -20.66 11.32 29.31
C ASP B 167 -19.77 11.16 30.54
N GLY B 168 -18.65 11.87 30.56
CA GLY B 168 -17.70 11.81 31.65
C GLY B 168 -16.83 10.56 31.65
N ARG B 169 -17.02 9.68 30.67
CA ARG B 169 -16.22 8.45 30.59
C ARG B 169 -14.83 8.83 30.10
N PRO B 170 -13.78 8.25 30.69
CA PRO B 170 -12.42 8.59 30.28
C PRO B 170 -12.03 7.85 29.00
N CYS B 171 -11.17 8.46 28.23
CA CYS B 171 -10.74 7.87 27.00
C CYS B 171 -9.65 6.82 27.19
N VAL B 172 -9.98 5.75 27.90
CA VAL B 172 -9.07 4.63 28.11
C VAL B 172 -9.95 3.42 28.28
N THR B 173 -9.45 2.26 27.87
CA THR B 173 -10.19 1.00 28.00
C THR B 173 -9.17 -0.09 27.68
N MET B 174 -9.35 -1.28 28.23
CA MET B 174 -8.41 -2.35 27.91
C MET B 174 -8.83 -2.81 26.53
N ASN B 175 -7.94 -2.67 25.56
CA ASN B 175 -8.24 -3.03 24.18
C ASN B 175 -8.15 -4.49 23.74
N GLY B 176 -7.46 -5.32 24.52
CA GLY B 176 -7.32 -6.71 24.20
C GLY B 176 -5.96 -7.13 24.73
N SER B 177 -5.43 -8.25 24.27
CA SER B 177 -4.13 -8.66 24.76
C SER B 177 -2.95 -8.20 23.87
N GLY B 178 -1.76 -8.69 24.19
CA GLY B 178 -0.57 -8.37 23.43
C GLY B 178 -0.42 -6.95 22.92
N GLY B 179 -0.39 -6.85 21.59
CA GLY B 179 -0.24 -5.57 20.92
C GLY B 179 -1.54 -4.92 20.48
N ALA B 180 -2.68 -5.34 21.04
CA ALA B 180 -3.97 -4.78 20.72
C ALA B 180 -4.03 -3.25 20.88
N GLY B 181 -3.37 -2.74 21.93
CA GLY B 181 -3.34 -1.31 22.18
C GLY B 181 -2.50 -0.55 21.17
N SER B 182 -1.37 -1.14 20.85
CA SER B 182 -0.50 -0.52 19.87
C SER B 182 -1.11 -0.60 18.49
N CYS B 183 -1.93 -1.62 18.25
CA CYS B 183 -2.54 -1.79 16.96
C CYS B 183 -3.53 -0.65 16.79
N VAL B 184 -4.35 -0.42 17.81
CA VAL B 184 -5.33 0.64 17.75
C VAL B 184 -4.68 1.96 17.49
N LYS B 185 -3.58 2.21 18.18
CA LYS B 185 -2.86 3.48 17.98
C LYS B 185 -2.32 3.60 16.57
N MET B 186 -1.84 2.48 16.02
CA MET B 186 -1.32 2.46 14.64
C MET B 186 -2.41 2.87 13.67
N TYR B 187 -3.57 2.25 13.76
CA TYR B 187 -4.68 2.58 12.90
C TYR B 187 -5.26 3.96 13.20
N HIS B 188 -5.14 4.40 14.45
CA HIS B 188 -5.62 5.74 14.76
C HIS B 188 -4.75 6.69 13.90
N ASN B 189 -3.42 6.51 13.97
CA ASN B 189 -2.53 7.36 13.21
C ASN B 189 -2.75 7.25 11.72
N SER B 190 -3.28 6.13 11.28
CA SER B 190 -3.55 5.90 9.87
C SER B 190 -4.73 6.75 9.39
N GLY B 191 -5.75 6.86 10.24
CA GLY B 191 -6.92 7.65 9.88
C GLY B 191 -6.52 9.09 9.90
N GLU B 192 -5.65 9.41 10.85
CA GLU B 192 -5.17 10.77 11.01
C GLU B 192 -4.49 11.25 9.72
N TYR B 193 -3.63 10.40 9.16
CA TYR B 193 -2.93 10.68 7.91
C TYR B 193 -3.93 11.02 6.81
N ALA B 194 -4.90 10.14 6.62
CA ALA B 194 -5.89 10.34 5.58
C ALA B 194 -6.64 11.64 5.74
N ILE B 195 -7.06 11.93 6.95
CA ILE B 195 -7.83 13.14 7.16
C ILE B 195 -7.05 14.43 7.06
N LEU B 196 -5.83 14.42 7.54
CA LEU B 196 -4.98 15.61 7.40
C LEU B 196 -4.86 15.90 5.93
N GLN B 197 -4.62 14.85 5.16
CA GLN B 197 -4.48 14.99 3.73
C GLN B 197 -5.75 15.57 3.09
N ILE B 198 -6.90 15.16 3.58
CA ILE B 198 -8.12 15.67 3.01
C ILE B 198 -8.21 17.18 3.22
N TRP B 199 -7.85 17.67 4.39
CA TRP B 199 -7.88 19.11 4.62
C TRP B 199 -6.85 19.77 3.70
N GLY B 200 -5.67 19.17 3.63
CA GLY B 200 -4.64 19.69 2.76
C GLY B 200 -5.16 19.81 1.34
N GLU B 201 -5.89 18.81 0.87
CA GLU B 201 -6.43 18.88 -0.47
C GLU B 201 -7.41 20.02 -0.57
N VAL B 202 -8.26 20.18 0.45
CA VAL B 202 -9.20 21.29 0.39
C VAL B 202 -8.45 22.60 0.21
N PHE B 203 -7.37 22.79 0.96
CA PHE B 203 -6.57 24.01 0.87
C PHE B 203 -6.14 24.21 -0.61
N ASP B 204 -5.51 23.20 -1.18
CA ASP B 204 -5.05 23.23 -2.56
C ASP B 204 -6.17 23.62 -3.55
N ILE B 205 -7.30 22.93 -3.45
CA ILE B 205 -8.43 23.17 -4.34
C ILE B 205 -8.95 24.59 -4.29
N LEU B 206 -9.16 25.13 -3.10
CA LEU B 206 -9.69 26.46 -2.97
C LEU B 206 -8.68 27.52 -3.42
N ARG B 207 -7.40 27.24 -3.17
CA ARG B 207 -6.38 28.16 -3.60
C ARG B 207 -6.42 28.19 -5.13
N ALA B 208 -6.59 27.00 -5.72
CA ALA B 208 -6.63 26.87 -7.17
C ALA B 208 -7.84 27.61 -7.70
N MET B 209 -8.95 27.55 -6.95
CA MET B 209 -10.17 28.22 -7.36
C MET B 209 -10.17 29.71 -7.10
N GLY B 210 -9.05 30.24 -6.62
CA GLY B 210 -8.93 31.68 -6.38
C GLY B 210 -8.98 32.25 -4.97
N LEU B 211 -9.26 31.43 -3.96
CA LEU B 211 -9.34 31.95 -2.62
C LEU B 211 -7.96 32.16 -2.06
N ASN B 212 -7.81 33.19 -1.24
CA ASN B 212 -6.54 33.48 -0.63
C ASN B 212 -6.59 32.78 0.73
N ASN B 213 -5.45 32.68 1.41
CA ASN B 213 -5.41 32.01 2.70
C ASN B 213 -6.52 32.38 3.69
N ASP B 214 -6.84 33.67 3.79
CA ASP B 214 -7.88 34.11 4.71
C ASP B 214 -9.30 33.72 4.29
N GLU B 215 -9.56 33.69 2.99
CA GLU B 215 -10.87 33.30 2.51
C GLU B 215 -11.14 31.80 2.72
N VAL B 216 -10.12 30.94 2.64
CA VAL B 216 -10.40 29.49 2.85
C VAL B 216 -10.73 29.29 4.31
N ALA B 217 -9.97 29.99 5.18
CA ALA B 217 -10.19 29.94 6.63
C ALA B 217 -11.66 30.20 6.97
N ALA B 218 -12.23 31.21 6.33
CA ALA B 218 -13.61 31.58 6.53
C ALA B 218 -14.55 30.41 6.15
N VAL B 219 -14.14 29.64 5.13
CA VAL B 219 -14.93 28.49 4.67
C VAL B 219 -14.90 27.39 5.71
N LEU B 220 -13.72 27.12 6.23
CA LEU B 220 -13.55 26.08 7.22
C LEU B 220 -14.34 26.54 8.43
N GLU B 221 -14.18 27.81 8.75
CA GLU B 221 -14.83 28.48 9.86
C GLU B 221 -16.34 28.24 9.79
N ASP B 222 -16.90 28.38 8.60
CA ASP B 222 -18.33 28.17 8.41
C ASP B 222 -18.64 26.69 8.56
N TRP B 223 -17.74 25.85 8.05
CA TRP B 223 -17.94 24.43 8.13
C TRP B 223 -17.99 23.93 9.60
N LYS B 224 -17.22 24.59 10.44
CA LYS B 224 -17.14 24.28 11.86
C LYS B 224 -18.51 24.54 12.50
N SER B 225 -19.05 25.74 12.25
CA SER B 225 -20.32 26.14 12.80
C SER B 225 -21.45 25.22 12.33
N LYS B 226 -21.30 24.61 11.15
CA LYS B 226 -22.34 23.69 10.67
C LYS B 226 -22.37 22.46 11.55
N ASN B 227 -21.34 22.39 12.41
CA ASN B 227 -21.19 21.36 13.41
C ASN B 227 -20.79 19.95 13.04
N PHE B 228 -21.38 19.36 12.00
CA PHE B 228 -21.06 17.99 11.61
C PHE B 228 -19.56 17.63 11.54
N LEU B 229 -18.74 18.55 11.04
CA LEU B 229 -17.31 18.32 10.90
C LEU B 229 -16.45 18.86 12.04
N LYS B 230 -17.08 19.35 13.09
CA LYS B 230 -16.33 19.91 14.21
C LYS B 230 -15.29 18.91 14.64
N SER B 231 -14.03 19.33 14.57
CA SER B 231 -12.92 18.47 14.95
C SER B 231 -11.61 19.22 15.22
N TYR B 232 -10.74 18.54 15.95
CA TYR B 232 -9.45 19.06 16.31
C TYR B 232 -8.70 19.42 15.04
N MET B 233 -8.57 18.44 14.13
CA MET B 233 -7.88 18.67 12.90
C MET B 233 -8.41 19.82 12.09
N LEU B 234 -9.71 20.04 12.16
CA LEU B 234 -10.30 21.17 11.46
C LEU B 234 -9.71 22.43 12.10
N ASP B 235 -9.78 22.52 13.43
CA ASP B 235 -9.21 23.66 14.15
C ASP B 235 -7.78 23.95 13.73
N ILE B 236 -6.90 22.96 13.80
CA ILE B 236 -5.50 23.21 13.45
C ILE B 236 -5.36 23.61 11.98
N SER B 237 -6.26 23.16 11.12
CA SER B 237 -6.16 23.54 9.70
C SER B 237 -6.40 25.04 9.59
N ILE B 238 -7.36 25.50 10.38
CA ILE B 238 -7.70 26.90 10.43
C ILE B 238 -6.49 27.71 10.91
N ALA B 239 -5.83 27.22 11.96
CA ALA B 239 -4.66 27.91 12.48
C ALA B 239 -3.58 27.94 11.42
N ALA B 240 -3.32 26.76 10.85
CA ALA B 240 -2.31 26.63 9.83
C ALA B 240 -2.57 27.62 8.68
N ALA B 241 -3.83 27.76 8.27
CA ALA B 241 -4.19 28.64 7.17
C ALA B 241 -3.99 30.12 7.49
N ARG B 242 -4.36 30.51 8.71
CA ARG B 242 -4.28 31.89 9.19
C ARG B 242 -2.87 32.40 9.49
N ALA B 243 -2.01 31.48 9.92
CA ALA B 243 -0.63 31.77 10.30
C ALA B 243 0.14 32.69 9.37
N LYS B 244 0.85 33.64 9.96
CA LYS B 244 1.63 34.61 9.19
C LYS B 244 3.07 34.66 9.63
N ASP B 245 3.93 34.91 8.66
CA ASP B 245 5.36 35.01 8.90
C ASP B 245 5.72 36.41 9.43
N LYS B 246 6.95 36.56 9.92
CA LYS B 246 7.44 37.82 10.44
C LYS B 246 7.30 38.94 9.42
N ASP B 247 7.43 38.59 8.14
CA ASP B 247 7.30 39.57 7.07
C ASP B 247 5.82 39.90 6.78
N GLY B 248 4.93 39.43 7.65
CA GLY B 248 3.51 39.68 7.51
C GLY B 248 2.83 39.03 6.32
N SER B 249 3.36 37.91 5.84
CA SER B 249 2.75 37.21 4.73
C SER B 249 2.31 35.86 5.27
N TYR B 250 1.61 35.08 4.46
CA TYR B 250 1.16 33.76 4.91
C TYR B 250 2.31 32.77 5.01
N LEU B 251 2.33 32.07 6.13
CA LEU B 251 3.38 31.12 6.44
C LEU B 251 3.53 30.02 5.41
N THR B 252 2.39 29.48 4.96
CA THR B 252 2.35 28.40 3.98
C THR B 252 3.19 28.66 2.75
N GLU B 253 3.25 29.91 2.31
CA GLU B 253 4.01 30.28 1.12
C GLU B 253 5.52 30.14 1.30
N HIS B 254 5.99 30.04 2.54
CA HIS B 254 7.41 29.89 2.78
C HIS B 254 7.74 28.47 3.20
N VAL B 255 6.74 27.59 3.17
CA VAL B 255 6.91 26.21 3.59
C VAL B 255 7.31 25.23 2.51
N MET B 256 8.42 24.55 2.76
CA MET B 256 8.99 23.55 1.88
C MET B 256 8.01 22.38 1.81
N ASP B 257 7.48 22.12 0.61
CA ASP B 257 6.51 21.05 0.41
C ASP B 257 7.05 19.62 0.45
N ARG B 258 7.43 19.19 1.64
CA ARG B 258 7.94 17.85 1.91
C ARG B 258 7.35 17.39 3.23
N ILE B 259 6.45 16.41 3.22
CA ILE B 259 5.88 15.93 4.48
C ILE B 259 6.65 14.75 5.09
N GLY B 260 7.28 15.00 6.24
CA GLY B 260 8.00 13.94 6.92
C GLY B 260 7.00 12.94 7.47
N SER B 261 7.47 11.77 7.84
CA SER B 261 6.61 10.74 8.39
C SER B 261 7.49 9.98 9.32
N LYS B 262 6.86 9.23 10.21
CA LYS B 262 7.61 8.46 11.16
C LYS B 262 7.22 6.98 11.27
N GLY B 263 6.58 6.45 10.23
CA GLY B 263 6.24 5.03 10.25
C GLY B 263 4.88 4.44 10.57
N THR B 264 4.26 4.84 11.67
CA THR B 264 2.95 4.30 12.05
C THR B 264 2.00 4.26 10.84
N GLY B 265 1.88 5.36 10.09
CA GLY B 265 1.04 5.38 8.91
C GLY B 265 1.49 4.35 7.90
N LEU B 266 2.79 4.26 7.66
CA LEU B 266 3.37 3.32 6.70
C LEU B 266 3.04 1.85 7.01
N TRP B 267 3.13 1.47 8.28
CA TRP B 267 2.88 0.10 8.66
C TRP B 267 1.41 -0.29 8.58
N SER B 268 0.56 0.65 8.96
CA SER B 268 -0.87 0.43 8.95
C SER B 268 -1.23 0.09 7.51
N ALA B 269 -0.61 0.78 6.58
CA ALA B 269 -0.87 0.55 5.17
C ALA B 269 -0.41 -0.86 4.79
N GLN B 270 0.78 -1.23 5.24
CA GLN B 270 1.32 -2.54 4.91
C GLN B 270 0.58 -3.71 5.52
N GLU B 271 0.00 -3.53 6.70
CA GLU B 271 -0.72 -4.62 7.32
C GLU B 271 -2.13 -4.72 6.76
N ALA B 272 -2.69 -3.57 6.37
CA ALA B 272 -4.02 -3.55 5.79
C ALA B 272 -3.95 -4.36 4.49
N LEU B 273 -2.84 -4.17 3.80
CA LEU B 273 -2.55 -4.82 2.53
C LEU B 273 -2.35 -6.30 2.82
N GLU B 274 -1.56 -6.58 3.84
CA GLU B 274 -1.24 -7.94 4.28
C GLU B 274 -2.49 -8.75 4.59
N ILE B 275 -3.30 -8.35 5.56
CA ILE B 275 -4.49 -9.13 5.86
C ILE B 275 -5.51 -9.07 4.72
N GLY B 276 -5.32 -8.19 3.75
CA GLY B 276 -6.23 -8.15 2.64
C GLY B 276 -7.44 -7.27 2.68
N VAL B 277 -7.56 -6.41 3.70
CA VAL B 277 -8.70 -5.51 3.81
C VAL B 277 -8.48 -4.28 2.98
N PRO B 278 -9.50 -3.90 2.19
CA PRO B 278 -9.48 -2.72 1.31
C PRO B 278 -9.50 -1.39 2.06
N ALA B 279 -8.41 -0.64 1.94
CA ALA B 279 -8.29 0.65 2.59
C ALA B 279 -7.60 1.58 1.63
N PRO B 280 -8.28 1.93 0.52
CA PRO B 280 -7.65 2.83 -0.45
C PRO B 280 -7.23 4.21 0.09
N SER B 281 -8.05 4.82 0.95
CA SER B 281 -7.70 6.12 1.51
C SER B 281 -6.50 6.05 2.46
N LEU B 282 -6.39 4.96 3.22
CA LEU B 282 -5.28 4.82 4.16
C LEU B 282 -3.97 4.62 3.40
N ASN B 283 -4.09 3.89 2.30
CA ASN B 283 -2.98 3.59 1.42
C ASN B 283 -2.48 4.81 0.65
N MET B 284 -3.38 5.58 0.04
CA MET B 284 -2.99 6.79 -0.71
C MET B 284 -2.54 7.94 0.18
N ALA B 285 -2.94 7.90 1.44
CA ALA B 285 -2.54 8.94 2.37
C ALA B 285 -1.00 8.88 2.47
N VAL B 286 -0.45 7.67 2.62
CA VAL B 286 0.99 7.49 2.70
C VAL B 286 1.59 7.92 1.33
N VAL B 287 1.01 7.44 0.23
CA VAL B 287 1.53 7.78 -1.08
C VAL B 287 1.56 9.29 -1.32
N SER B 288 0.51 10.00 -0.96
CA SER B 288 0.47 11.45 -1.16
C SER B 288 1.66 12.09 -0.49
N ARG B 289 2.09 11.58 0.65
CA ARG B 289 3.28 12.13 1.31
C ARG B 289 4.47 11.76 0.48
N GLN B 290 4.50 10.52 -0.04
CA GLN B 290 5.63 10.11 -0.89
C GLN B 290 5.77 11.03 -2.09
N PHE B 291 4.65 11.41 -2.67
CA PHE B 291 4.68 12.34 -3.77
C PHE B 291 5.51 13.59 -3.34
N THR B 292 5.20 14.17 -2.18
CA THR B 292 5.90 15.40 -1.76
C THR B 292 7.40 15.24 -1.50
N MET B 293 7.85 14.12 -0.92
CA MET B 293 9.26 13.89 -0.67
C MET B 293 10.09 13.81 -1.97
N TYR B 294 9.44 13.58 -3.11
CA TYR B 294 10.19 13.52 -4.36
C TYR B 294 10.16 14.86 -5.08
N LYS B 295 10.37 15.88 -4.28
CA LYS B 295 10.42 17.29 -4.66
C LYS B 295 11.47 17.50 -5.80
N THR B 296 12.68 16.96 -5.62
CA THR B 296 13.75 17.10 -6.60
C THR B 296 13.29 16.53 -7.93
N GLU B 297 12.83 15.28 -7.92
CA GLU B 297 12.41 14.65 -9.16
C GLU B 297 11.30 15.46 -9.81
N ARG B 298 10.32 15.88 -9.01
CA ARG B 298 9.18 16.64 -9.52
C ARG B 298 9.64 17.89 -10.21
N GLN B 299 10.65 18.53 -9.62
CA GLN B 299 11.20 19.77 -10.17
C GLN B 299 11.88 19.54 -11.53
N ALA B 300 12.56 18.40 -11.66
CA ALA B 300 13.27 18.02 -12.88
C ALA B 300 12.28 17.67 -13.98
N ASN B 301 11.26 16.88 -13.63
CA ASN B 301 10.21 16.45 -14.55
C ASN B 301 9.57 17.69 -15.13
N ALA B 302 9.29 18.65 -14.26
CA ALA B 302 8.66 19.87 -14.69
C ALA B 302 9.55 20.65 -15.70
N SER B 303 10.88 20.71 -15.47
CA SER B 303 11.82 21.38 -16.39
C SER B 303 11.86 20.72 -17.78
N ASN B 304 11.89 19.40 -17.82
CA ASN B 304 11.92 18.71 -19.10
C ASN B 304 10.62 18.75 -19.87
N ALA B 305 9.52 19.09 -19.18
CA ALA B 305 8.17 19.14 -19.78
C ALA B 305 7.40 20.31 -19.21
N PRO B 306 7.83 21.51 -19.55
CA PRO B 306 7.16 22.71 -19.05
C PRO B 306 5.68 22.81 -19.46
N GLY B 307 4.87 23.36 -18.56
CA GLY B 307 3.45 23.56 -18.82
C GLY B 307 2.69 22.34 -19.29
N ILE B 308 3.15 21.15 -18.92
CA ILE B 308 2.49 19.93 -19.36
C ILE B 308 1.14 19.69 -18.66
N THR B 309 1.06 20.05 -17.38
CA THR B 309 -0.15 19.87 -16.58
C THR B 309 -1.12 21.05 -16.76
N GLN B 310 -0.84 21.93 -17.72
CA GLN B 310 -1.66 23.11 -17.97
C GLN B 310 -3.11 22.74 -18.18
N SER B 311 -4.01 23.35 -17.41
CA SER B 311 -5.44 23.06 -17.54
C SER B 311 -6.27 24.31 -17.80
N PRO B 312 -7.56 24.13 -18.13
CA PRO B 312 -8.41 25.30 -18.38
C PRO B 312 -8.41 26.27 -17.20
N GLY B 313 -8.64 25.72 -16.01
CA GLY B 313 -8.68 26.55 -14.82
C GLY B 313 -10.13 26.82 -14.49
N TYR B 314 -10.38 27.31 -13.29
CA TYR B 314 -11.74 27.57 -12.86
C TYR B 314 -11.70 28.52 -11.67
N THR B 315 -12.08 29.77 -11.93
CA THR B 315 -12.08 30.77 -10.88
C THR B 315 -13.50 30.94 -10.38
N LEU B 316 -13.67 31.04 -9.07
CA LEU B 316 -14.99 31.18 -8.48
C LEU B 316 -15.63 32.57 -8.52
N LYS B 317 -16.97 32.58 -8.68
CA LYS B 317 -17.76 33.81 -8.69
C LYS B 317 -17.84 34.28 -7.22
N ASN B 318 -18.48 33.49 -6.34
CA ASN B 318 -18.43 33.90 -4.93
C ASN B 318 -17.54 33.01 -4.07
N LYS B 319 -16.61 33.70 -3.44
CA LYS B 319 -15.62 33.14 -2.52
C LYS B 319 -16.27 33.00 -1.14
N SER B 320 -17.58 33.24 -1.08
CA SER B 320 -18.32 33.14 0.17
C SER B 320 -18.79 31.70 0.36
N PRO B 321 -18.75 31.18 1.60
CA PRO B 321 -19.19 29.81 1.95
C PRO B 321 -20.58 29.47 1.44
N SER B 322 -21.31 30.48 0.99
CA SER B 322 -22.64 30.26 0.47
C SER B 322 -22.59 29.86 -0.98
N GLY B 323 -21.41 29.96 -1.59
CA GLY B 323 -21.20 29.59 -2.98
C GLY B 323 -21.63 28.14 -3.20
N PRO B 324 -22.44 27.87 -4.24
CA PRO B 324 -22.93 26.52 -4.56
C PRO B 324 -21.81 25.51 -4.69
N GLU B 325 -20.72 25.89 -5.37
CA GLU B 325 -19.56 25.04 -5.53
C GLU B 325 -19.03 24.70 -4.16
N ILE B 326 -18.85 25.71 -3.30
CA ILE B 326 -18.35 25.49 -1.93
C ILE B 326 -19.27 24.53 -1.20
N LYS B 327 -20.55 24.55 -1.56
CA LYS B 327 -21.49 23.67 -0.92
C LYS B 327 -21.26 22.22 -1.29
N GLN B 328 -21.00 21.91 -2.55
CA GLN B 328 -20.75 20.53 -2.93
C GLN B 328 -19.39 20.08 -2.36
N LEU B 329 -18.39 20.96 -2.36
CA LEU B 329 -17.10 20.61 -1.78
C LEU B 329 -17.30 20.14 -0.33
N TYR B 330 -18.30 20.73 0.34
CA TYR B 330 -18.64 20.39 1.71
C TYR B 330 -19.10 18.96 1.82
N ASP B 331 -20.05 18.58 0.97
CA ASP B 331 -20.60 17.22 0.95
C ASP B 331 -19.53 16.21 0.66
N SER B 332 -18.61 16.63 -0.19
CA SER B 332 -17.51 15.81 -0.59
C SER B 332 -16.69 15.48 0.63
N VAL B 333 -16.22 16.51 1.31
CA VAL B 333 -15.43 16.28 2.50
C VAL B 333 -16.17 15.42 3.54
N CYS B 334 -17.40 15.79 3.87
CA CYS B 334 -18.18 15.03 4.83
C CYS B 334 -18.11 13.53 4.51
N ILE B 335 -18.48 13.20 3.28
CA ILE B 335 -18.48 11.82 2.83
C ILE B 335 -17.09 11.19 2.81
N ALA B 336 -16.10 11.98 2.38
CA ALA B 336 -14.70 11.54 2.31
C ALA B 336 -14.24 11.11 3.68
N ILE B 337 -14.47 11.99 4.65
CA ILE B 337 -14.09 11.76 6.02
C ILE B 337 -14.78 10.55 6.61
N ILE B 338 -16.05 10.41 6.34
CA ILE B 338 -16.80 9.24 6.84
C ILE B 338 -16.18 7.91 6.32
N SER B 339 -15.76 7.86 5.05
CA SER B 339 -15.18 6.62 4.53
C SER B 339 -13.82 6.37 5.11
N CYS B 340 -13.16 7.43 5.53
CA CYS B 340 -11.84 7.27 6.11
C CYS B 340 -12.00 6.51 7.40
N TYR B 341 -12.89 6.99 8.25
CA TYR B 341 -13.16 6.33 9.51
C TYR B 341 -13.64 4.95 9.25
N ALA B 342 -14.51 4.76 8.28
CA ALA B 342 -15.03 3.43 7.98
C ALA B 342 -13.90 2.45 7.72
N GLN B 343 -13.04 2.78 6.76
CA GLN B 343 -11.89 1.95 6.40
C GLN B 343 -11.09 1.62 7.66
N MET B 344 -10.79 2.64 8.44
CA MET B 344 -10.01 2.46 9.66
C MET B 344 -10.59 1.39 10.56
N PHE B 345 -11.89 1.50 10.81
CA PHE B 345 -12.57 0.56 11.67
C PHE B 345 -12.67 -0.85 11.12
N GLN B 346 -12.77 -0.99 9.80
CA GLN B 346 -12.85 -2.32 9.20
C GLN B 346 -11.51 -2.97 9.39
N CYS B 347 -10.46 -2.18 9.31
CA CYS B 347 -9.13 -2.72 9.46
C CYS B 347 -8.98 -3.35 10.80
N LEU B 348 -9.45 -2.64 11.82
CA LEU B 348 -9.38 -3.14 13.19
C LEU B 348 -10.27 -4.35 13.38
N ARG B 349 -11.43 -4.34 12.73
CA ARG B 349 -12.32 -5.47 12.86
C ARG B 349 -11.64 -6.72 12.37
N GLU B 350 -11.09 -6.69 11.17
CA GLU B 350 -10.40 -7.87 10.67
C GLU B 350 -9.11 -8.19 11.45
N MET B 351 -8.39 -7.14 11.83
CA MET B 351 -7.15 -7.31 12.54
C MET B 351 -7.40 -8.16 13.75
N ASP B 352 -8.45 -7.82 14.48
CA ASP B 352 -8.85 -8.54 15.67
C ASP B 352 -9.12 -10.03 15.41
N LYS B 353 -9.97 -10.35 14.45
CA LYS B 353 -10.23 -11.76 14.18
C LYS B 353 -8.98 -12.53 13.73
N VAL B 354 -8.16 -11.96 12.86
CA VAL B 354 -6.96 -12.66 12.41
C VAL B 354 -6.10 -12.91 13.64
N HIS B 355 -5.68 -11.84 14.30
CA HIS B 355 -4.82 -11.88 15.49
C HIS B 355 -5.44 -12.20 16.83
N ASN B 356 -6.73 -12.51 16.87
CA ASN B 356 -7.41 -12.84 18.12
C ASN B 356 -7.05 -11.97 19.32
N PHE B 357 -7.44 -10.71 19.31
CA PHE B 357 -7.16 -9.77 20.42
C PHE B 357 -8.28 -9.76 21.48
N GLY B 358 -9.50 -10.11 21.08
CA GLY B 358 -10.62 -10.07 22.00
C GLY B 358 -11.03 -8.62 22.22
N LEU B 359 -10.81 -7.80 21.21
CA LEU B 359 -11.12 -6.37 21.24
C LEU B 359 -12.64 -6.03 21.24
N ASN B 360 -13.04 -5.07 22.07
CA ASN B 360 -14.44 -4.66 22.10
C ASN B 360 -14.51 -3.30 21.44
N LEU B 361 -14.85 -3.36 20.16
CA LEU B 361 -14.92 -2.19 19.31
C LEU B 361 -15.68 -1.02 19.90
N PRO B 362 -16.95 -1.20 20.28
CA PRO B 362 -17.66 -0.05 20.84
C PRO B 362 -16.99 0.61 22.06
N ALA B 363 -16.22 -0.16 22.84
CA ALA B 363 -15.55 0.40 24.00
C ALA B 363 -14.35 1.19 23.47
N THR B 364 -13.69 0.59 22.50
CA THR B 364 -12.53 1.19 21.87
C THR B 364 -12.86 2.46 21.12
N ILE B 365 -13.86 2.41 20.25
CA ILE B 365 -14.20 3.59 19.48
C ILE B 365 -14.68 4.73 20.38
N ALA B 366 -15.18 4.38 21.57
CA ALA B 366 -15.64 5.40 22.50
C ALA B 366 -14.46 6.19 23.07
N THR B 367 -13.34 5.52 23.30
CA THR B 367 -12.18 6.21 23.82
C THR B 367 -11.57 7.15 22.78
N PHE B 368 -12.04 7.12 21.52
CA PHE B 368 -11.51 8.04 20.48
C PHE B 368 -12.22 9.39 20.50
N ARG B 369 -13.35 9.46 21.18
CA ARG B 369 -14.20 10.66 21.29
C ARG B 369 -13.56 11.97 21.80
N ALA B 370 -12.45 11.88 22.52
CA ALA B 370 -11.75 13.05 23.05
C ALA B 370 -10.31 12.71 23.31
N GLY B 371 -9.51 13.73 23.60
CA GLY B 371 -8.09 13.53 23.87
C GLY B 371 -7.17 13.20 22.70
N CYS B 372 -7.61 12.36 21.76
CA CYS B 372 -6.79 12.03 20.62
C CYS B 372 -7.01 13.00 19.47
N ILE B 373 -6.08 12.97 18.51
CA ILE B 373 -6.09 13.81 17.31
C ILE B 373 -7.36 13.61 16.47
N LEU B 374 -7.80 12.37 16.36
CA LEU B 374 -9.00 12.05 15.59
C LEU B 374 -10.32 12.48 16.24
N GLN B 375 -10.27 13.10 17.41
CA GLN B 375 -11.49 13.52 18.12
C GLN B 375 -12.32 14.52 17.33
N GLY B 376 -13.65 14.44 17.53
CA GLY B 376 -14.55 15.34 16.85
C GLY B 376 -15.99 14.88 16.97
N TYR B 377 -16.91 15.67 16.46
CA TYR B 377 -18.34 15.32 16.55
C TYR B 377 -18.71 13.91 16.09
N LEU B 378 -18.33 13.60 14.85
CA LEU B 378 -18.61 12.32 14.22
C LEU B 378 -18.45 11.08 15.07
N LEU B 379 -17.47 11.12 15.98
CA LEU B 379 -17.22 9.96 16.85
C LEU B 379 -18.40 9.63 17.74
N LYS B 380 -19.31 10.59 17.93
CA LYS B 380 -20.48 10.37 18.77
C LYS B 380 -21.49 9.43 18.04
N PRO B 381 -22.04 9.86 16.89
CA PRO B 381 -22.99 8.98 16.20
C PRO B 381 -22.35 7.63 15.87
N MET B 382 -21.08 7.67 15.45
CA MET B 382 -20.33 6.46 15.09
C MET B 382 -20.27 5.50 16.25
N THR B 383 -20.03 6.03 17.45
CA THR B 383 -19.94 5.20 18.63
C THR B 383 -21.29 4.55 18.87
N GLU B 384 -22.35 5.34 18.78
CA GLU B 384 -23.72 4.85 18.95
C GLU B 384 -23.95 3.70 17.97
N ALA B 385 -23.66 3.96 16.71
CA ALA B 385 -23.83 3.00 15.65
C ALA B 385 -23.28 1.62 15.96
N PHE B 386 -22.14 1.57 16.62
CA PHE B 386 -21.54 0.29 16.96
C PHE B 386 -22.07 -0.28 18.25
N GLU B 387 -22.67 0.56 19.09
CA GLU B 387 -23.24 0.08 20.33
C GLU B 387 -24.56 -0.56 19.96
N LYS B 388 -25.24 0.07 19.00
CA LYS B 388 -26.52 -0.39 18.49
C LYS B 388 -26.42 -1.76 17.80
N ASN B 389 -25.54 -1.89 16.80
CA ASN B 389 -25.40 -3.18 16.09
C ASN B 389 -23.92 -3.48 15.89
N PRO B 390 -23.31 -4.16 16.87
CA PRO B 390 -21.90 -4.54 16.85
C PRO B 390 -21.38 -5.24 15.59
N ASN B 391 -22.25 -5.97 14.89
CA ASN B 391 -21.83 -6.68 13.68
C ASN B 391 -22.49 -6.12 12.40
N ILE B 392 -22.47 -4.80 12.31
CA ILE B 392 -23.00 -4.04 11.18
C ILE B 392 -21.93 -4.24 10.11
N SER B 393 -22.32 -4.51 8.87
CA SER B 393 -21.34 -4.82 7.82
C SER B 393 -20.20 -3.82 7.60
N ASN B 394 -20.55 -2.54 7.56
CA ASN B 394 -19.61 -1.47 7.35
C ASN B 394 -20.29 -0.26 7.94
N LEU B 395 -19.50 0.57 8.59
CA LEU B 395 -19.98 1.75 9.25
C LEU B 395 -20.72 2.67 8.29
N MET B 396 -20.37 2.61 7.02
CA MET B 396 -21.02 3.50 6.06
C MET B 396 -22.54 3.41 6.02
N CYS B 397 -23.07 2.24 6.31
CA CYS B 397 -24.51 2.08 6.26
C CYS B 397 -25.19 2.93 7.33
N ALA B 398 -24.56 3.03 8.49
CA ALA B 398 -25.16 3.81 9.55
C ALA B 398 -25.33 5.23 9.08
N PHE B 399 -24.60 5.61 8.03
CA PHE B 399 -24.66 6.96 7.46
C PHE B 399 -25.25 7.05 6.06
N GLN B 400 -26.12 6.08 5.75
CA GLN B 400 -26.82 5.95 4.49
C GLN B 400 -27.52 7.22 4.05
N THR B 401 -28.26 7.85 4.96
CA THR B 401 -28.93 9.09 4.63
C THR B 401 -27.93 10.11 4.07
N GLU B 402 -27.08 10.68 4.90
CA GLU B 402 -26.08 11.68 4.45
C GLU B 402 -25.34 11.32 3.15
N ILE B 403 -25.04 10.03 2.99
CA ILE B 403 -24.36 9.57 1.78
C ILE B 403 -25.27 9.76 0.59
N ARG B 404 -26.49 9.26 0.71
CA ARG B 404 -27.47 9.36 -0.36
C ARG B 404 -27.64 10.80 -0.85
N ALA B 405 -27.62 11.74 0.08
CA ALA B 405 -27.82 13.15 -0.22
C ALA B 405 -26.66 13.85 -0.88
N GLY B 406 -25.45 13.64 -0.39
CA GLY B 406 -24.31 14.31 -0.96
C GLY B 406 -23.50 13.59 -2.02
N LEU B 407 -23.80 12.32 -2.28
CA LEU B 407 -23.04 11.53 -3.25
C LEU B 407 -22.87 12.13 -4.63
N GLN B 408 -23.94 12.63 -5.24
CA GLN B 408 -23.81 13.23 -6.56
C GLN B 408 -22.98 14.52 -6.49
N ASN B 409 -23.15 15.27 -5.42
CA ASN B 409 -22.38 16.49 -5.22
C ASN B 409 -20.90 16.14 -5.16
N TYR B 410 -20.61 15.08 -4.44
CA TYR B 410 -19.26 14.57 -4.28
C TYR B 410 -18.73 14.21 -5.69
N ARG B 411 -19.51 13.45 -6.47
CA ARG B 411 -19.11 13.09 -7.82
C ARG B 411 -18.86 14.31 -8.71
N ASP B 412 -19.81 15.25 -8.73
CA ASP B 412 -19.66 16.41 -9.59
C ASP B 412 -18.46 17.27 -9.25
N MET B 413 -18.17 17.42 -7.96
CA MET B 413 -17.04 18.22 -7.52
C MET B 413 -15.74 17.58 -8.02
N VAL B 414 -15.57 16.29 -7.72
CA VAL B 414 -14.38 15.59 -8.16
C VAL B 414 -14.28 15.62 -9.67
N ALA B 415 -15.41 15.52 -10.36
CA ALA B 415 -15.41 15.60 -11.81
C ALA B 415 -14.88 16.96 -12.24
N LEU B 416 -15.39 18.01 -11.61
CA LEU B 416 -14.98 19.40 -11.90
C LEU B 416 -13.51 19.65 -11.65
N ILE B 417 -13.01 19.22 -10.50
CA ILE B 417 -11.61 19.41 -10.13
C ILE B 417 -10.69 18.63 -11.04
N THR B 418 -11.14 17.48 -11.50
CA THR B 418 -10.30 16.67 -12.36
C THR B 418 -10.15 17.31 -13.73
N SER B 419 -11.28 17.76 -14.29
CA SER B 419 -11.33 18.39 -15.60
C SER B 419 -10.67 19.75 -15.74
N LYS B 420 -10.89 20.64 -14.78
CA LYS B 420 -10.39 22.00 -14.83
C LYS B 420 -9.22 22.39 -13.96
N LEU B 421 -9.03 21.73 -12.83
CA LEU B 421 -7.96 22.18 -11.95
C LEU B 421 -6.63 21.47 -12.08
N GLU B 422 -5.60 22.24 -11.83
CA GLU B 422 -4.25 21.77 -11.95
C GLU B 422 -3.78 21.27 -10.61
N VAL B 423 -4.59 20.44 -9.98
CA VAL B 423 -4.21 19.92 -8.68
C VAL B 423 -4.47 18.44 -8.55
N SER B 424 -3.65 17.78 -7.74
CA SER B 424 -3.77 16.37 -7.47
C SER B 424 -4.63 16.20 -6.23
N ILE B 425 -5.56 15.25 -6.31
CA ILE B 425 -6.41 14.95 -5.16
C ILE B 425 -6.41 13.45 -4.88
N PRO B 426 -5.24 12.90 -4.49
CA PRO B 426 -5.09 11.47 -4.20
C PRO B 426 -6.17 10.90 -3.26
N VAL B 427 -6.28 11.43 -2.05
CA VAL B 427 -7.23 10.89 -1.11
C VAL B 427 -8.68 11.26 -1.34
N LEU B 428 -8.98 12.47 -1.81
CA LEU B 428 -10.40 12.77 -2.08
C LEU B 428 -10.90 11.83 -3.14
N SER B 429 -9.99 11.44 -4.03
CA SER B 429 -10.31 10.52 -5.11
C SER B 429 -10.48 9.09 -4.68
N ALA B 430 -9.49 8.55 -3.98
CA ALA B 430 -9.56 7.16 -3.53
C ALA B 430 -10.78 6.92 -2.66
N SER B 431 -11.08 7.87 -1.80
CA SER B 431 -12.23 7.73 -0.93
C SER B 431 -13.56 7.60 -1.68
N LEU B 432 -13.69 8.26 -2.82
CA LEU B 432 -14.93 8.17 -3.57
C LEU B 432 -15.04 6.80 -4.18
N ASN B 433 -13.89 6.24 -4.56
CA ASN B 433 -13.91 4.91 -5.15
C ASN B 433 -14.24 3.88 -4.10
N TYR B 434 -13.82 4.14 -2.86
CA TYR B 434 -14.10 3.24 -1.75
C TYR B 434 -15.61 3.16 -1.60
N VAL B 435 -16.26 4.32 -1.59
CA VAL B 435 -17.72 4.32 -1.44
C VAL B 435 -18.47 3.60 -2.57
N THR B 436 -18.18 3.96 -3.82
CA THR B 436 -18.87 3.34 -4.95
C THR B 436 -18.56 1.86 -5.01
N ALA B 437 -17.31 1.48 -4.79
CA ALA B 437 -16.95 0.07 -4.87
C ALA B 437 -17.58 -0.80 -3.80
N MET B 438 -17.55 -0.33 -2.56
CA MET B 438 -18.11 -1.11 -1.45
C MET B 438 -19.62 -1.34 -1.43
N PHE B 439 -20.38 -0.53 -2.17
CA PHE B 439 -21.82 -0.70 -2.22
C PHE B 439 -22.28 -1.42 -3.49
N THR B 440 -21.32 -1.80 -4.33
CA THR B 440 -21.63 -2.46 -5.59
C THR B 440 -21.54 -3.95 -5.42
N PRO B 441 -22.66 -4.67 -5.63
CA PRO B 441 -22.74 -6.14 -5.49
C PRO B 441 -21.89 -6.87 -6.54
N THR B 442 -21.96 -6.42 -7.79
CA THR B 442 -21.20 -7.04 -8.86
C THR B 442 -20.24 -6.06 -9.51
N LEU B 443 -18.95 -6.31 -9.38
CA LEU B 443 -17.96 -5.45 -10.01
C LEU B 443 -17.59 -6.24 -11.26
N LYS B 444 -17.97 -5.69 -12.42
CA LYS B 444 -17.74 -6.33 -13.71
C LYS B 444 -16.25 -6.46 -14.08
N TYR B 445 -15.43 -5.51 -13.65
CA TYR B 445 -14.01 -5.60 -13.96
C TYR B 445 -13.43 -6.88 -13.34
N GLY B 446 -14.09 -7.35 -12.28
CA GLY B 446 -13.67 -8.56 -11.59
C GLY B 446 -13.90 -9.77 -12.45
N GLN B 447 -14.89 -9.69 -13.34
CA GLN B 447 -15.20 -10.81 -14.24
C GLN B 447 -14.12 -10.95 -15.31
N LEU B 448 -13.74 -9.83 -15.92
CA LEU B 448 -12.72 -9.85 -16.95
C LEU B 448 -11.39 -10.29 -16.39
N VAL B 449 -10.93 -9.61 -15.36
CA VAL B 449 -9.63 -9.92 -14.74
C VAL B 449 -9.54 -11.37 -14.29
N SER B 450 -10.63 -11.86 -13.74
CA SER B 450 -10.74 -13.23 -13.26
C SER B 450 -10.44 -14.18 -14.41
N LEU B 451 -11.11 -13.97 -15.54
CA LEU B 451 -10.90 -14.80 -16.72
C LEU B 451 -9.47 -14.61 -17.27
N GLN B 452 -9.00 -13.36 -17.34
CA GLN B 452 -7.66 -13.06 -17.81
C GLN B 452 -6.61 -13.95 -17.13
N ARG B 453 -6.72 -14.08 -15.81
CA ARG B 453 -5.78 -14.89 -15.03
C ARG B 453 -5.81 -16.32 -15.46
N ASP B 454 -6.95 -16.75 -15.98
CA ASP B 454 -7.08 -18.11 -16.48
C ASP B 454 -6.29 -18.29 -17.79
N VAL B 455 -6.46 -17.36 -18.71
CA VAL B 455 -5.80 -17.41 -19.99
C VAL B 455 -4.34 -17.80 -19.92
N PHE B 456 -3.55 -17.03 -19.18
CA PHE B 456 -2.12 -17.31 -19.11
C PHE B 456 -1.62 -18.21 -17.98
N GLY B 457 -2.23 -18.08 -16.81
CA GLY B 457 -1.77 -18.84 -15.69
C GLY B 457 -2.57 -20.07 -15.39
N ARG B 458 -3.64 -20.28 -16.14
CA ARG B 458 -4.53 -21.44 -15.96
C ARG B 458 -4.99 -21.58 -14.48
N HIS B 459 -5.20 -20.45 -13.80
CA HIS B 459 -5.60 -20.44 -12.39
C HIS B 459 -7.06 -20.79 -12.16
N GLY B 460 -7.87 -20.79 -13.22
CA GLY B 460 -9.27 -21.10 -13.05
C GLY B 460 -9.97 -19.88 -12.48
N TYR B 461 -11.27 -20.01 -12.28
CA TYR B 461 -12.10 -18.92 -11.74
C TYR B 461 -13.36 -19.52 -11.13
N GLU B 462 -13.94 -18.79 -10.20
CA GLU B 462 -15.16 -19.22 -9.55
C GLU B 462 -16.35 -18.77 -10.40
N ARG B 463 -17.38 -19.60 -10.44
CA ARG B 463 -18.58 -19.30 -11.20
C ARG B 463 -19.63 -18.80 -10.24
N VAL B 464 -20.55 -17.96 -10.72
CA VAL B 464 -21.64 -17.52 -9.86
C VAL B 464 -22.75 -18.55 -9.93
N ASP B 465 -22.71 -19.42 -10.95
CA ASP B 465 -23.73 -20.43 -11.12
C ASP B 465 -23.37 -21.88 -10.79
N LYS B 466 -22.13 -22.29 -11.06
CA LYS B 466 -21.69 -23.64 -10.68
C LYS B 466 -21.09 -23.35 -9.32
N ASP B 467 -20.50 -24.35 -8.68
CA ASP B 467 -19.83 -24.09 -7.41
C ASP B 467 -18.47 -24.81 -7.50
N GLY B 468 -17.44 -24.17 -6.98
CA GLY B 468 -16.10 -24.72 -7.10
C GLY B 468 -15.41 -23.84 -8.13
N ARG B 469 -14.34 -24.32 -8.76
CA ARG B 469 -13.62 -23.53 -9.77
C ARG B 469 -13.64 -24.20 -11.13
N GLU B 470 -13.68 -23.37 -12.18
CA GLU B 470 -13.70 -23.85 -13.55
C GLU B 470 -12.58 -23.18 -14.36
N SER B 471 -12.15 -23.82 -15.45
CA SER B 471 -11.10 -23.28 -16.31
C SER B 471 -11.50 -23.47 -17.78
N PHE B 472 -11.46 -22.39 -18.55
CA PHE B 472 -11.82 -22.44 -19.97
C PHE B 472 -10.67 -22.96 -20.85
N GLN B 473 -10.94 -23.19 -22.14
CA GLN B 473 -9.91 -23.63 -23.10
C GLN B 473 -9.71 -22.46 -24.03
N TRP B 474 -8.45 -22.02 -24.18
CA TRP B 474 -8.18 -20.85 -25.00
C TRP B 474 -7.33 -21.06 -26.24
N PRO B 475 -7.50 -20.20 -27.24
CA PRO B 475 -6.75 -20.26 -28.50
C PRO B 475 -5.29 -19.92 -28.18
N GLU B 476 -4.38 -20.41 -29.01
CA GLU B 476 -2.97 -20.09 -28.80
C GLU B 476 -2.93 -18.61 -29.13
N LEU B 477 -2.04 -17.88 -28.46
CA LEU B 477 -1.93 -16.44 -28.71
C LEU B 477 -0.58 -16.00 -29.24
N GLN B 478 0.43 -16.88 -29.16
CA GLN B 478 1.78 -16.56 -29.63
C GLN B 478 2.28 -17.46 -30.77
S SO4 C . -1.33 -13.94 -9.44
O1 SO4 C . -0.87 -15.03 -10.24
O2 SO4 C . -1.77 -14.38 -8.19
O3 SO4 C . -0.22 -13.12 -9.23
O4 SO4 C . -2.35 -13.12 -10.01
S SO4 D . 3.36 -16.05 -12.67
O1 SO4 D . 4.26 -16.01 -13.83
O2 SO4 D . 1.93 -15.94 -13.09
O3 SO4 D . 3.43 -17.29 -11.90
O4 SO4 D . 3.82 -15.08 -11.72
S SO4 E . 4.15 11.33 11.83
O1 SO4 E . 5.25 11.78 12.51
O2 SO4 E . 4.49 10.15 11.17
O3 SO4 E . 3.19 11.04 12.79
O4 SO4 E . 3.65 12.31 10.92
S SO4 F . 1.85 10.26 17.77
O1 SO4 F . 0.37 10.51 17.79
O2 SO4 F . 2.51 11.33 17.00
O3 SO4 F . 2.44 10.19 19.09
O4 SO4 F . 2.27 9.05 17.19
#